data_8V13
#
_entry.id   8V13
#
_cell.length_a   103.539
_cell.length_b   72.252
_cell.length_c   179.656
_cell.angle_alpha   90.00
_cell.angle_beta   91.99
_cell.angle_gamma   90.00
#
_symmetry.space_group_name_H-M   'C 1 2 1'
#
loop_
_entity.id
_entity.type
_entity.pdbx_description
1 polymer 'Centi-SNX-B03 Fab heavy chain'
2 polymer 'Centi-SNX-B03 Fab light chain'
3 polymer 'Short neurotoxin 1'
4 non-polymer 'SODIUM ION'
5 water water
#
loop_
_entity_poly.entity_id
_entity_poly.type
_entity_poly.pdbx_seq_one_letter_code
_entity_poly.pdbx_strand_id
1 'polypeptide(L)'
;QVQLQESGGGVVRPGGSLRLSCAASGFTFSSYAMSWVRQAPGKGLEWVSAISGSGGSTYYADSVKGRFTISRDSSKNTLY
LQINSLRAEDTALYYCAREGDYDSMDVWGQGTLVTVSSASTKGPSVFPLAPSSKSTSGGTAALGCLVKDYFPEPVTVSWN
SGALTSGVHTFPAVLQSSGLYSLSSVVTVPSSSLGTQTYICNVNHKPSNTKVDKKVEPKSCDKGLEVLFQ
;
H,h
2 'polypeptide(L)'
;SQSVVTQPPSVSVAPGKTARITCGGNNIGSKSVHWYQQKPGQAPVLVVFDDSARPSGIPERFSGSNSGNTATLTISRVEA
GDEADYYCQVWDNNSDDVVFGGGTKLTVLGQPKAAPSVTLFPPSSEELQANKATLVCLISDFYPGAVTVAWKADSSPVKA
GVETTTPSKQSNNKYAASSYLSLTPEQWKSHRSYSCQVTHEGSTVEKTVAPTECS
;
L,l
3 'polypeptide(L)' RICYNHQSTTRATTKSCEENSCYKKYWRDHRGTIIERGCGCPKVKPGVGIHCCQSDKCNY T,t
#
loop_
_chem_comp.id
_chem_comp.type
_chem_comp.name
_chem_comp.formula
NA non-polymer 'SODIUM ION' 'Na 1'
#
# COMPACT_ATOMS: atom_id res chain seq x y z
N VAL A 2 -4.02 -20.47 -19.95
CA VAL A 2 -3.23 -19.38 -19.23
C VAL A 2 -1.75 -19.72 -19.25
N GLN A 3 -0.92 -18.79 -19.69
CA GLN A 3 0.56 -18.92 -19.74
C GLN A 3 1.31 -17.65 -19.36
N LEU A 4 2.49 -17.83 -18.76
CA LEU A 4 3.50 -16.79 -18.45
C LEU A 4 4.85 -17.29 -18.95
N GLN A 5 5.61 -16.44 -19.61
CA GLN A 5 6.95 -16.78 -20.13
C GLN A 5 7.91 -15.64 -19.84
N GLU A 6 8.91 -15.88 -19.00
CA GLU A 6 9.94 -14.91 -18.60
C GLU A 6 11.08 -14.93 -19.62
N SER A 7 11.75 -13.80 -19.79
CA SER A 7 12.98 -13.70 -20.61
C SER A 7 13.85 -12.56 -20.11
N GLY A 8 15.11 -12.50 -20.53
CA GLY A 8 16.03 -11.37 -20.29
C GLY A 8 17.15 -11.76 -19.35
N GLY A 9 17.09 -12.94 -18.73
CA GLY A 9 18.16 -13.38 -17.82
C GLY A 9 19.46 -13.62 -18.57
N GLY A 10 20.58 -13.66 -17.85
CA GLY A 10 21.88 -14.10 -18.35
C GLY A 10 22.97 -13.66 -17.40
N VAL A 11 24.20 -13.60 -17.88
CA VAL A 11 25.38 -13.22 -17.08
C VAL A 11 25.47 -11.69 -17.10
N VAL A 12 25.75 -11.08 -15.96
CA VAL A 12 25.84 -9.60 -15.82
C VAL A 12 26.82 -9.27 -14.71
N ARG A 13 27.46 -8.11 -14.77
CA ARG A 13 28.51 -7.75 -13.82
C ARG A 13 27.87 -7.19 -12.57
N PRO A 14 28.51 -7.32 -11.40
CA PRO A 14 28.09 -6.57 -10.23
C PRO A 14 28.08 -5.09 -10.62
N GLY A 15 27.13 -4.32 -10.08
CA GLY A 15 26.89 -2.89 -10.41
C GLY A 15 26.22 -2.69 -11.76
N GLY A 16 25.99 -3.75 -12.54
CA GLY A 16 25.29 -3.68 -13.84
C GLY A 16 23.78 -3.64 -13.69
N SER A 17 23.10 -3.63 -14.83
CA SER A 17 21.63 -3.46 -14.99
C SER A 17 21.10 -4.51 -15.94
N LEU A 18 19.86 -4.94 -15.72
CA LEU A 18 19.16 -5.90 -16.59
C LEU A 18 17.68 -5.57 -16.57
N ARG A 19 16.97 -5.78 -17.67
CA ARG A 19 15.51 -5.72 -17.70
C ARG A 19 14.98 -7.13 -17.97
N LEU A 20 14.17 -7.66 -17.06
CA LEU A 20 13.44 -8.94 -17.24
C LEU A 20 12.06 -8.62 -17.77
N SER A 21 11.54 -9.51 -18.61
CA SER A 21 10.21 -9.43 -19.24
C SER A 21 9.46 -10.71 -18.95
N CYS A 22 8.17 -10.61 -18.88
CA CYS A 22 7.26 -11.76 -18.71
C CYS A 22 6.06 -11.51 -19.60
N ALA A 23 5.91 -12.34 -20.65
CA ALA A 23 4.76 -12.29 -21.59
C ALA A 23 3.63 -13.15 -21.06
N ALA A 24 2.46 -12.55 -20.88
CA ALA A 24 1.25 -13.19 -20.31
C ALA A 24 0.28 -13.43 -21.45
N SER A 25 -0.52 -14.49 -21.35
CA SER A 25 -1.60 -14.81 -22.32
C SER A 25 -2.63 -15.72 -21.67
N GLY A 26 -3.83 -15.67 -22.24
CA GLY A 26 -4.96 -16.54 -21.87
C GLY A 26 -5.76 -16.01 -20.73
N PHE A 27 -5.54 -14.74 -20.31
CA PHE A 27 -6.41 -14.09 -19.31
C PHE A 27 -6.42 -12.58 -19.51
N THR A 28 -7.36 -11.91 -18.84
CA THR A 28 -7.45 -10.44 -18.92
C THR A 28 -6.34 -9.88 -18.04
N PHE A 29 -5.22 -9.50 -18.62
CA PHE A 29 -3.95 -9.23 -17.91
C PHE A 29 -4.20 -8.17 -16.82
N SER A 30 -4.85 -7.08 -17.19
CA SER A 30 -4.92 -5.86 -16.34
C SER A 30 -5.86 -6.08 -15.14
N SER A 31 -6.60 -7.17 -15.04
CA SER A 31 -7.49 -7.48 -13.89
C SER A 31 -6.71 -8.07 -12.70
N TYR A 32 -5.43 -8.40 -12.88
CA TYR A 32 -4.67 -9.18 -11.88
C TYR A 32 -3.42 -8.40 -11.50
N ALA A 33 -3.13 -8.40 -10.20
CA ALA A 33 -1.80 -8.10 -9.69
C ALA A 33 -0.83 -9.20 -10.16
N MET A 34 0.40 -8.80 -10.40
CA MET A 34 1.49 -9.71 -10.81
C MET A 34 2.69 -9.54 -9.86
N SER A 35 3.44 -10.61 -9.61
CA SER A 35 4.62 -10.58 -8.72
C SER A 35 5.81 -11.17 -9.47
N TRP A 36 6.98 -10.71 -9.09
CA TRP A 36 8.27 -11.38 -9.32
C TRP A 36 8.69 -12.07 -8.02
N VAL A 37 9.04 -13.34 -8.14
CA VAL A 37 9.58 -14.16 -7.02
C VAL A 37 10.89 -14.76 -7.52
N ARG A 38 11.95 -14.69 -6.72
CA ARG A 38 13.21 -15.31 -7.18
C ARG A 38 13.62 -16.49 -6.29
N GLN A 39 14.47 -17.33 -6.84
CA GLN A 39 15.00 -18.49 -6.09
C GLN A 39 16.48 -18.69 -6.46
N ALA A 40 17.38 -18.50 -5.47
CA ALA A 40 18.82 -18.81 -5.59
C ALA A 40 18.95 -20.34 -5.67
N PRO A 41 19.94 -20.84 -6.45
CA PRO A 41 20.07 -22.28 -6.65
C PRO A 41 20.21 -23.02 -5.31
N GLY A 42 19.35 -24.01 -5.09
CA GLY A 42 19.31 -24.79 -3.84
C GLY A 42 18.67 -24.05 -2.68
N LYS A 43 18.09 -22.86 -2.89
CA LYS A 43 17.50 -22.08 -1.78
C LYS A 43 16.00 -21.92 -1.99
N GLY A 44 15.41 -21.11 -1.12
CA GLY A 44 13.95 -21.00 -0.99
C GLY A 44 13.41 -19.91 -1.90
N LEU A 45 12.11 -19.78 -1.92
CA LEU A 45 11.41 -18.69 -2.67
C LEU A 45 11.59 -17.38 -1.90
N GLU A 46 11.91 -16.33 -2.64
CA GLU A 46 12.00 -14.95 -2.09
C GLU A 46 11.17 -14.02 -2.99
N TRP A 47 10.10 -13.49 -2.42
CA TRP A 47 9.29 -12.45 -3.11
C TRP A 47 10.15 -11.19 -3.29
N VAL A 48 10.07 -10.60 -4.46
CA VAL A 48 10.88 -9.40 -4.86
C VAL A 48 9.95 -8.17 -5.03
N SER A 49 8.85 -8.30 -5.71
CA SER A 49 8.09 -7.10 -6.13
C SER A 49 6.70 -7.50 -6.63
N ALA A 50 5.70 -6.63 -6.48
CA ALA A 50 4.36 -6.83 -7.06
C ALA A 50 3.80 -5.50 -7.58
N ILE A 51 2.78 -5.61 -8.41
CA ILE A 51 2.17 -4.46 -9.13
C ILE A 51 0.68 -4.71 -9.29
N SER A 52 -0.13 -3.68 -8.99
CA SER A 52 -1.60 -3.73 -9.16
C SER A 52 -1.93 -3.85 -10.65
N GLY A 53 -3.17 -4.23 -10.93
CA GLY A 53 -3.71 -4.34 -12.30
C GLY A 53 -3.36 -3.12 -13.13
N SER A 54 -3.72 -1.92 -12.65
CA SER A 54 -3.52 -0.64 -13.41
C SER A 54 -2.05 -0.23 -13.40
N GLY A 55 -1.23 -0.75 -12.49
CA GLY A 55 0.15 -0.24 -12.30
C GLY A 55 0.20 0.95 -11.33
N GLY A 56 -0.93 1.32 -10.76
CA GLY A 56 -1.06 2.51 -9.87
C GLY A 56 -0.42 2.28 -8.52
N SER A 57 -0.30 1.01 -8.09
CA SER A 57 0.41 0.63 -6.84
C SER A 57 1.55 -0.33 -7.18
N THR A 58 2.71 -0.13 -6.57
CA THR A 58 3.86 -1.05 -6.65
C THR A 58 4.29 -1.44 -5.24
N TYR A 59 4.91 -2.60 -5.09
CA TYR A 59 5.30 -3.13 -3.77
C TYR A 59 6.67 -3.80 -3.92
N TYR A 60 7.57 -3.62 -2.94
CA TYR A 60 8.96 -4.11 -3.04
C TYR A 60 9.37 -4.75 -1.72
N ALA A 61 10.12 -5.84 -1.81
CA ALA A 61 10.88 -6.38 -0.66
C ALA A 61 11.91 -5.32 -0.22
N ASP A 62 12.17 -5.23 1.08
CA ASP A 62 13.23 -4.34 1.65
C ASP A 62 14.57 -4.52 0.96
N SER A 63 14.98 -5.76 0.72
CA SER A 63 16.29 -6.13 0.14
C SER A 63 16.52 -5.52 -1.23
N VAL A 64 15.47 -5.07 -1.92
CA VAL A 64 15.60 -4.59 -3.32
C VAL A 64 15.07 -3.14 -3.48
N LYS A 65 14.49 -2.55 -2.43
CA LYS A 65 13.95 -1.15 -2.45
C LYS A 65 15.00 -0.23 -3.07
N GLY A 66 14.61 0.46 -4.14
CA GLY A 66 15.47 1.51 -4.70
C GLY A 66 16.45 0.96 -5.72
N ARG A 67 16.61 -0.38 -5.83
CA ARG A 67 17.42 -0.91 -6.95
C ARG A 67 16.54 -1.52 -8.05
N PHE A 68 15.34 -2.01 -7.72
CA PHE A 68 14.45 -2.70 -8.68
C PHE A 68 13.26 -1.80 -8.99
N THR A 69 12.78 -1.88 -10.21
CA THR A 69 11.52 -1.24 -10.63
C THR A 69 10.65 -2.23 -11.38
N ILE A 70 9.45 -2.44 -10.86
CA ILE A 70 8.40 -3.24 -11.53
C ILE A 70 7.50 -2.29 -12.36
N SER A 71 7.10 -2.74 -13.53
CA SER A 71 6.22 -1.97 -14.43
C SER A 71 5.47 -2.97 -15.28
N ARG A 72 4.39 -2.52 -15.91
CA ARG A 72 3.67 -3.40 -16.85
C ARG A 72 3.20 -2.55 -18.02
N ASP A 73 2.97 -3.20 -19.15
CA ASP A 73 2.40 -2.58 -20.38
C ASP A 73 1.20 -3.39 -20.81
N SER A 74 -0.01 -2.91 -20.56
CA SER A 74 -1.28 -3.63 -20.87
C SER A 74 -1.42 -3.84 -22.38
N SER A 75 -0.90 -2.96 -23.22
CA SER A 75 -1.07 -3.09 -24.69
C SER A 75 -0.26 -4.30 -25.17
N LYS A 76 0.85 -4.62 -24.51
CA LYS A 76 1.73 -5.76 -24.90
C LYS A 76 1.53 -6.95 -23.96
N ASN A 77 0.58 -6.88 -23.04
CA ASN A 77 0.35 -7.92 -22.01
C ASN A 77 1.69 -8.37 -21.39
N THR A 78 2.54 -7.44 -21.03
CA THR A 78 3.92 -7.75 -20.59
C THR A 78 4.18 -7.08 -19.23
N LEU A 79 4.84 -7.85 -18.35
CA LEU A 79 5.34 -7.38 -17.03
C LEU A 79 6.84 -7.21 -17.13
N TYR A 80 7.39 -6.19 -16.50
CA TYR A 80 8.85 -5.99 -16.47
C TYR A 80 9.36 -5.94 -15.04
N LEU A 81 10.65 -6.21 -14.92
CA LEU A 81 11.44 -5.94 -13.72
C LEU A 81 12.79 -5.39 -14.15
N GLN A 82 13.06 -4.15 -13.74
CA GLN A 82 14.33 -3.46 -14.02
C GLN A 82 15.18 -3.65 -12.79
N ILE A 83 16.31 -4.32 -12.95
CA ILE A 83 17.18 -4.62 -11.80
C ILE A 83 18.48 -3.82 -11.98
N ASN A 84 18.74 -2.87 -11.08
CA ASN A 84 19.94 -2.00 -11.19
C ASN A 84 20.88 -2.32 -10.02
N SER A 85 22.12 -1.80 -10.08
CA SER A 85 23.16 -1.98 -9.03
C SER A 85 23.16 -3.45 -8.58
N LEU A 86 23.25 -4.35 -9.55
CA LEU A 86 23.22 -5.83 -9.31
C LEU A 86 24.32 -6.22 -8.31
N ARG A 87 23.98 -7.13 -7.41
CA ARG A 87 24.89 -7.71 -6.41
C ARG A 87 25.00 -9.23 -6.66
N ALA A 88 26.09 -9.84 -6.22
CA ALA A 88 26.22 -11.31 -6.12
C ALA A 88 24.90 -11.93 -5.62
N GLU A 89 24.30 -11.38 -4.56
CA GLU A 89 23.10 -11.98 -3.92
C GLU A 89 21.85 -11.87 -4.81
N ASP A 90 21.89 -11.20 -5.96
CA ASP A 90 20.77 -11.16 -6.92
C ASP A 90 20.82 -12.36 -7.88
N THR A 91 21.87 -13.17 -7.83
CA THR A 91 21.94 -14.43 -8.63
C THR A 91 20.78 -15.32 -8.20
N ALA A 92 19.89 -15.64 -9.13
CA ALA A 92 18.70 -16.46 -8.87
C ALA A 92 17.98 -16.75 -10.17
N LEU A 93 17.04 -17.70 -10.12
CA LEU A 93 15.97 -17.87 -11.14
C LEU A 93 14.83 -16.93 -10.78
N TYR A 94 14.41 -16.10 -11.74
CA TYR A 94 13.37 -15.07 -11.54
C TYR A 94 12.11 -15.60 -12.19
N TYR A 95 11.08 -15.86 -11.39
CA TYR A 95 9.72 -16.23 -11.81
C TYR A 95 8.79 -15.02 -11.84
N CYS A 96 7.94 -14.94 -12.84
CA CYS A 96 6.73 -14.09 -12.76
C CYS A 96 5.57 -14.99 -12.38
N ALA A 97 4.67 -14.45 -11.58
CA ALA A 97 3.46 -15.14 -11.10
C ALA A 97 2.26 -14.21 -11.17
N ARG A 98 1.13 -14.80 -11.51
CA ARG A 98 -0.18 -14.14 -11.45
C ARG A 98 -0.73 -14.36 -10.07
N GLU A 99 -1.17 -13.29 -9.40
CA GLU A 99 -1.77 -13.40 -8.06
C GLU A 99 -3.28 -13.52 -8.16
N GLY A 100 -3.87 -14.11 -7.13
CA GLY A 100 -5.32 -14.15 -6.85
C GLY A 100 -5.60 -13.63 -5.46
N ASP A 101 -6.63 -14.17 -4.86
CA ASP A 101 -7.12 -13.78 -3.53
C ASP A 101 -5.97 -13.90 -2.54
N TYR A 102 -5.78 -12.85 -1.75
CA TYR A 102 -4.84 -12.85 -0.62
C TYR A 102 -3.42 -13.07 -1.13
N ASP A 103 -3.12 -12.61 -2.35
CA ASP A 103 -1.80 -12.63 -3.02
C ASP A 103 -1.32 -14.09 -3.24
N SER A 104 -2.23 -15.04 -3.20
CA SER A 104 -1.94 -16.43 -3.65
C SER A 104 -1.48 -16.41 -5.10
N MET A 105 -0.51 -17.25 -5.44
CA MET A 105 0.11 -17.19 -6.79
C MET A 105 -0.31 -18.45 -7.55
N ASP A 106 -1.32 -18.32 -8.40
CA ASP A 106 -2.03 -19.49 -8.97
C ASP A 106 -1.39 -19.87 -10.29
N VAL A 107 -0.66 -18.98 -10.95
CA VAL A 107 0.05 -19.32 -12.20
C VAL A 107 1.47 -18.79 -12.09
N TRP A 108 2.43 -19.65 -12.45
CA TRP A 108 3.87 -19.32 -12.51
C TRP A 108 4.44 -19.52 -13.91
N GLY A 109 5.45 -18.76 -14.30
CA GLY A 109 6.22 -19.08 -15.52
C GLY A 109 7.26 -20.14 -15.21
N GLN A 110 8.24 -20.36 -16.08
CA GLN A 110 9.29 -21.37 -15.86
C GLN A 110 10.54 -20.67 -15.32
N GLY A 111 10.58 -19.33 -15.34
CA GLY A 111 11.70 -18.58 -14.76
C GLY A 111 12.79 -18.22 -15.74
N THR A 112 13.56 -17.17 -15.45
CA THR A 112 14.72 -16.73 -16.26
C THR A 112 15.90 -16.54 -15.32
N LEU A 113 17.03 -17.16 -15.66
CA LEU A 113 18.21 -17.25 -14.76
C LEU A 113 19.10 -16.02 -14.90
N VAL A 114 19.39 -15.40 -13.78
CA VAL A 114 20.27 -14.22 -13.64
C VAL A 114 21.48 -14.69 -12.86
N THR A 115 22.66 -14.55 -13.46
CA THR A 115 23.96 -14.88 -12.82
C THR A 115 24.80 -13.62 -12.73
N VAL A 116 25.08 -13.18 -11.53
CA VAL A 116 25.81 -11.90 -11.32
C VAL A 116 27.26 -12.26 -11.03
N SER A 117 28.13 -12.05 -11.99
CA SER A 117 29.56 -12.38 -11.85
C SER A 117 30.39 -11.41 -12.70
N SER A 118 31.53 -11.01 -12.16
CA SER A 118 32.56 -10.22 -12.89
C SER A 118 33.43 -11.13 -13.76
N ALA A 119 33.15 -12.44 -13.86
CA ALA A 119 34.10 -13.42 -14.44
C ALA A 119 34.02 -13.41 -15.96
N SER A 120 35.17 -13.64 -16.61
CA SER A 120 35.23 -14.01 -18.04
C SER A 120 35.39 -15.52 -18.10
N THR A 121 35.25 -16.09 -19.29
CA THR A 121 35.54 -17.51 -19.57
C THR A 121 36.91 -17.85 -18.98
N LYS A 122 36.98 -18.96 -18.26
CA LYS A 122 38.21 -19.41 -17.56
C LYS A 122 38.12 -20.92 -17.36
N GLY A 123 39.15 -21.63 -17.81
CA GLY A 123 39.26 -23.08 -17.64
C GLY A 123 39.61 -23.41 -16.18
N PRO A 124 39.27 -24.64 -15.73
CA PRO A 124 39.47 -25.04 -14.35
C PRO A 124 40.93 -25.36 -14.01
N SER A 125 41.23 -25.19 -12.72
CA SER A 125 42.39 -25.83 -12.06
C SER A 125 41.91 -27.13 -11.41
N VAL A 126 42.65 -28.19 -11.59
CA VAL A 126 42.20 -29.52 -11.13
C VAL A 126 43.20 -30.05 -10.12
N PHE A 127 42.72 -30.31 -8.89
CA PHE A 127 43.59 -30.77 -7.80
C PHE A 127 43.12 -32.15 -7.39
N PRO A 128 44.06 -33.02 -7.04
CA PRO A 128 43.72 -34.36 -6.62
C PRO A 128 43.22 -34.36 -5.16
N LEU A 129 42.20 -35.21 -4.90
CA LEU A 129 41.78 -35.56 -3.51
C LEU A 129 42.29 -36.96 -3.21
N ALA A 130 43.47 -37.02 -2.63
CA ALA A 130 44.27 -38.26 -2.63
C ALA A 130 43.70 -39.17 -1.55
N PRO A 131 43.65 -40.49 -1.81
CA PRO A 131 43.29 -41.45 -0.78
C PRO A 131 44.50 -41.63 0.16
N SER A 132 44.27 -41.70 1.46
CA SER A 132 45.27 -42.23 2.42
C SER A 132 44.50 -43.04 3.47
N SER A 133 45.05 -43.20 4.68
CA SER A 133 44.38 -43.90 5.81
C SER A 133 43.17 -43.10 6.32
N LYS A 134 43.02 -41.85 5.86
CA LYS A 134 41.95 -40.90 6.28
C LYS A 134 40.72 -41.00 5.36
N SER A 135 40.85 -41.61 4.17
CA SER A 135 39.70 -41.97 3.29
C SER A 135 39.62 -43.49 3.07
N THR A 136 40.52 -44.28 3.69
CA THR A 136 40.50 -45.78 3.76
C THR A 136 39.76 -46.20 5.04
N SER A 137 38.49 -46.61 4.91
CA SER A 137 37.58 -47.02 6.01
C SER A 137 36.91 -48.36 5.66
N GLY A 138 37.34 -49.46 6.30
CA GLY A 138 36.75 -50.81 6.12
C GLY A 138 37.08 -51.46 4.79
N GLY A 139 38.28 -51.24 4.24
CA GLY A 139 38.83 -51.95 3.06
C GLY A 139 38.62 -51.22 1.73
N THR A 140 37.87 -50.11 1.73
CA THR A 140 37.60 -49.24 0.55
C THR A 140 38.18 -47.82 0.78
N ALA A 141 38.54 -47.10 -0.30
CA ALA A 141 39.16 -45.76 -0.28
C ALA A 141 38.37 -44.82 -1.21
N ALA A 142 38.04 -43.64 -0.73
CA ALA A 142 37.46 -42.56 -1.55
C ALA A 142 38.62 -41.69 -2.08
N LEU A 143 38.55 -41.38 -3.36
CA LEU A 143 39.51 -40.45 -4.01
C LEU A 143 38.74 -39.58 -4.98
N GLY A 144 39.25 -38.40 -5.32
CA GLY A 144 38.49 -37.54 -6.21
C GLY A 144 39.37 -36.51 -6.87
N CYS A 145 38.69 -35.54 -7.45
CA CYS A 145 39.27 -34.37 -8.13
C CYS A 145 38.45 -33.20 -7.69
N LEU A 146 39.14 -32.16 -7.26
CA LEU A 146 38.55 -30.84 -7.02
C LEU A 146 38.78 -29.99 -8.29
N VAL A 147 37.69 -29.57 -8.90
CA VAL A 147 37.68 -28.79 -10.17
C VAL A 147 37.34 -27.35 -9.80
N LYS A 148 38.36 -26.51 -9.72
CA LYS A 148 38.27 -25.18 -9.06
C LYS A 148 38.33 -24.05 -10.10
N ASP A 149 37.53 -23.01 -9.88
CA ASP A 149 37.69 -21.66 -10.42
C ASP A 149 37.55 -21.68 -11.94
N TYR A 150 36.41 -22.18 -12.45
CA TYR A 150 36.06 -22.14 -13.89
C TYR A 150 34.82 -21.27 -14.11
N PHE A 151 34.64 -20.86 -15.36
CA PHE A 151 33.47 -20.03 -15.78
C PHE A 151 33.38 -20.05 -17.28
N PRO A 152 32.17 -20.16 -17.87
CA PRO A 152 30.93 -20.45 -17.14
C PRO A 152 30.74 -21.96 -16.88
N GLU A 153 29.55 -22.35 -16.36
CA GLU A 153 29.15 -23.79 -16.44
C GLU A 153 28.97 -24.19 -17.90
N PRO A 154 29.03 -25.49 -18.25
CA PRO A 154 29.32 -26.55 -17.29
C PRO A 154 30.72 -27.18 -17.44
N VAL A 155 31.13 -27.98 -16.46
CA VAL A 155 32.19 -29.00 -16.73
C VAL A 155 31.55 -30.37 -16.64
N THR A 156 32.15 -31.32 -17.34
CA THR A 156 31.84 -32.75 -17.16
C THR A 156 33.11 -33.46 -16.76
N VAL A 157 32.96 -34.52 -15.98
CA VAL A 157 34.08 -35.33 -15.44
C VAL A 157 33.79 -36.81 -15.71
N SER A 158 34.81 -37.51 -16.18
CA SER A 158 34.86 -38.97 -16.34
C SER A 158 36.12 -39.46 -15.62
N TRP A 159 36.22 -40.77 -15.43
CA TRP A 159 37.33 -41.47 -14.75
C TRP A 159 37.87 -42.58 -15.64
N ASN A 160 39.20 -42.65 -15.77
CA ASN A 160 39.90 -43.60 -16.66
C ASN A 160 39.23 -43.59 -18.05
N SER A 161 38.94 -42.40 -18.56
CA SER A 161 38.42 -42.14 -19.94
C SER A 161 37.08 -42.84 -20.15
N GLY A 162 36.29 -43.00 -19.08
CA GLY A 162 34.91 -43.51 -19.12
C GLY A 162 34.84 -44.98 -18.73
N ALA A 163 35.99 -45.66 -18.65
CA ALA A 163 36.09 -47.05 -18.16
C ALA A 163 35.53 -47.16 -16.75
N LEU A 164 35.90 -46.26 -15.83
CA LEU A 164 35.50 -46.39 -14.41
C LEU A 164 34.20 -45.61 -14.16
N THR A 165 33.10 -46.33 -13.84
CA THR A 165 31.73 -45.74 -13.66
C THR A 165 31.16 -46.07 -12.29
N SER A 166 31.47 -47.25 -11.76
CA SER A 166 30.88 -47.76 -10.51
C SER A 166 31.52 -47.01 -9.35
N GLY A 167 30.71 -46.41 -8.46
CA GLY A 167 31.21 -45.67 -7.29
C GLY A 167 31.47 -44.20 -7.60
N VAL A 168 31.24 -43.80 -8.86
CA VAL A 168 31.53 -42.41 -9.33
C VAL A 168 30.35 -41.51 -9.01
N HIS A 169 30.62 -40.37 -8.42
CA HIS A 169 29.62 -39.30 -8.21
C HIS A 169 30.29 -37.96 -8.55
N THR A 170 29.71 -37.19 -9.45
CA THR A 170 30.11 -35.80 -9.71
C THR A 170 29.07 -34.89 -9.12
N PHE A 171 29.51 -33.99 -8.26
CA PHE A 171 28.62 -33.05 -7.57
C PHE A 171 28.20 -31.90 -8.46
N PRO A 172 27.06 -31.29 -8.14
CA PRO A 172 26.75 -29.97 -8.66
C PRO A 172 27.79 -28.93 -8.20
N ALA A 173 27.88 -27.87 -8.99
CA ALA A 173 28.84 -26.76 -8.82
C ALA A 173 28.30 -25.78 -7.78
N VAL A 174 29.19 -25.08 -7.09
CA VAL A 174 28.85 -23.89 -6.28
C VAL A 174 29.45 -22.64 -6.94
N LEU A 175 28.68 -21.57 -7.00
CA LEU A 175 29.21 -20.25 -7.38
C LEU A 175 29.84 -19.63 -6.15
N GLN A 176 31.15 -19.43 -6.19
CA GLN A 176 31.87 -18.87 -5.02
C GLN A 176 31.77 -17.35 -5.06
N SER A 177 32.09 -16.72 -3.95
CA SER A 177 32.04 -15.24 -3.80
C SER A 177 33.01 -14.58 -4.78
N SER A 178 33.94 -15.34 -5.36
CA SER A 178 34.87 -14.88 -6.43
C SER A 178 34.16 -14.71 -7.79
N GLY A 179 32.95 -15.21 -7.97
CA GLY A 179 32.25 -15.21 -9.27
C GLY A 179 32.62 -16.44 -10.09
N LEU A 180 33.43 -17.35 -9.54
CA LEU A 180 33.82 -18.57 -10.29
C LEU A 180 33.16 -19.83 -9.69
N TYR A 181 32.98 -20.84 -10.52
CA TYR A 181 32.42 -22.14 -10.08
C TYR A 181 33.51 -23.09 -9.62
N SER A 182 33.12 -23.99 -8.70
CA SER A 182 33.92 -25.17 -8.31
C SER A 182 32.98 -26.38 -8.13
N LEU A 183 33.49 -27.55 -8.45
CA LEU A 183 32.79 -28.81 -8.12
C LEU A 183 33.83 -29.87 -7.81
N SER A 184 33.38 -31.05 -7.36
CA SER A 184 34.22 -32.21 -7.07
C SER A 184 33.57 -33.41 -7.74
N SER A 185 34.41 -34.36 -8.04
CA SER A 185 34.06 -35.71 -8.52
C SER A 185 34.79 -36.69 -7.61
N VAL A 186 34.11 -37.73 -7.18
CA VAL A 186 34.68 -38.73 -6.22
C VAL A 186 34.40 -40.12 -6.76
N VAL A 187 35.26 -41.04 -6.43
CA VAL A 187 34.97 -42.48 -6.66
C VAL A 187 35.42 -43.26 -5.42
N THR A 188 34.66 -44.29 -5.07
CA THR A 188 35.06 -45.25 -4.01
C THR A 188 35.64 -46.48 -4.69
N VAL A 189 36.81 -46.91 -4.25
CA VAL A 189 37.54 -48.06 -4.86
C VAL A 189 38.05 -48.95 -3.73
N PRO A 190 38.47 -50.18 -4.03
CA PRO A 190 39.12 -51.03 -3.03
C PRO A 190 40.50 -50.51 -2.65
N SER A 191 40.80 -50.47 -1.36
CA SER A 191 42.13 -50.07 -0.83
C SER A 191 43.26 -50.91 -1.45
N SER A 192 43.02 -52.18 -1.78
CA SER A 192 44.07 -53.12 -2.28
C SER A 192 44.44 -52.76 -3.73
N SER A 193 43.52 -52.13 -4.48
CA SER A 193 43.74 -51.63 -5.86
C SER A 193 44.70 -50.42 -5.88
N LEU A 194 44.88 -49.71 -4.76
CA LEU A 194 45.62 -48.41 -4.76
C LEU A 194 47.05 -48.62 -5.23
N GLY A 195 47.64 -49.78 -4.92
CA GLY A 195 49.02 -50.06 -5.35
C GLY A 195 49.18 -50.22 -6.85
N THR A 196 48.16 -50.73 -7.56
CA THR A 196 48.31 -51.33 -8.92
C THR A 196 47.44 -50.64 -9.99
N GLN A 197 46.28 -50.08 -9.63
CA GLN A 197 45.33 -49.46 -10.59
C GLN A 197 45.52 -47.93 -10.59
N THR A 198 45.74 -47.37 -11.76
CA THR A 198 45.87 -45.92 -12.00
C THR A 198 44.46 -45.35 -11.97
N TYR A 199 44.31 -44.21 -11.30
CA TYR A 199 43.04 -43.42 -11.31
C TYR A 199 43.33 -42.02 -11.88
N ILE A 200 42.67 -41.68 -12.98
CA ILE A 200 42.79 -40.39 -13.68
C ILE A 200 41.40 -39.79 -13.79
N CYS A 201 41.23 -38.56 -13.33
CA CYS A 201 39.97 -37.85 -13.62
C CYS A 201 40.17 -37.04 -14.88
N ASN A 202 39.19 -37.10 -15.78
CA ASN A 202 39.12 -36.44 -17.11
C ASN A 202 38.11 -35.32 -17.05
N VAL A 203 38.60 -34.09 -17.01
CA VAL A 203 37.73 -32.91 -16.84
C VAL A 203 37.55 -32.27 -18.22
N ASN A 204 36.34 -31.92 -18.59
CA ASN A 204 36.05 -31.28 -19.89
C ASN A 204 35.34 -29.98 -19.62
N HIS A 205 35.94 -28.86 -20.05
CA HIS A 205 35.32 -27.52 -19.94
C HIS A 205 35.21 -26.92 -21.34
N LYS A 206 34.13 -27.24 -22.04
CA LYS A 206 33.94 -26.86 -23.45
C LYS A 206 33.95 -25.36 -23.63
N PRO A 207 33.37 -24.54 -22.73
CA PRO A 207 33.40 -23.11 -22.96
C PRO A 207 34.81 -22.55 -23.19
N SER A 208 35.85 -23.12 -22.56
CA SER A 208 37.24 -22.61 -22.70
C SER A 208 38.04 -23.55 -23.60
N ASN A 209 37.43 -24.56 -24.26
CA ASN A 209 38.13 -25.57 -25.08
C ASN A 209 39.25 -26.22 -24.29
N THR A 210 39.06 -26.44 -22.99
CA THR A 210 40.09 -27.06 -22.12
C THR A 210 39.62 -28.46 -21.72
N LYS A 211 40.53 -29.42 -21.76
CA LYS A 211 40.42 -30.69 -21.03
C LYS A 211 41.65 -30.88 -20.15
N VAL A 212 41.45 -31.45 -18.96
CA VAL A 212 42.55 -31.75 -18.01
C VAL A 212 42.39 -33.21 -17.56
N ASP A 213 43.46 -33.97 -17.63
CA ASP A 213 43.59 -35.33 -17.06
C ASP A 213 44.50 -35.21 -15.85
N LYS A 214 43.99 -35.57 -14.69
CA LYS A 214 44.80 -35.47 -13.45
C LYS A 214 44.95 -36.85 -12.88
N LYS A 215 46.17 -37.31 -12.71
CA LYS A 215 46.43 -38.58 -12.03
C LYS A 215 46.29 -38.37 -10.51
N VAL A 216 45.51 -39.23 -9.86
CA VAL A 216 45.22 -39.11 -8.41
C VAL A 216 45.94 -40.29 -7.76
N GLU A 217 46.98 -40.00 -7.00
CA GLU A 217 47.92 -40.98 -6.44
C GLU A 217 47.72 -41.01 -4.94
N PRO A 218 47.99 -42.14 -4.25
CA PRO A 218 47.92 -42.15 -2.78
C PRO A 218 48.95 -41.19 -2.18
N LYS A 219 48.62 -40.56 -1.06
CA LYS A 219 49.55 -39.67 -0.31
C LYS A 219 50.73 -40.52 0.12
N SER A 220 51.95 -40.05 -0.17
CA SER A 220 53.21 -40.59 0.38
C SER A 220 53.55 -39.75 1.63
N CYS A 221 53.58 -40.36 2.82
CA CYS A 221 53.88 -39.61 4.08
C CYS A 221 55.39 -39.62 4.36
N ASP A 222 56.21 -39.81 3.31
CA ASP A 222 57.70 -39.81 3.33
C ASP A 222 58.22 -38.36 3.43
N LYS A 223 58.76 -37.99 4.62
CA LYS A 223 59.34 -36.64 4.92
C LYS A 223 60.52 -36.32 3.97
N GLY A 224 61.21 -37.34 3.44
CA GLY A 224 62.29 -37.19 2.44
C GLY A 224 61.81 -36.67 1.09
N LEU A 225 60.50 -36.69 0.82
CA LEU A 225 59.85 -36.22 -0.45
C LEU A 225 59.12 -34.88 -0.23
N GLU A 226 59.24 -34.25 0.95
CA GLU A 226 58.47 -33.01 1.25
C GLU A 226 59.07 -31.81 0.48
N VAL A 227 58.19 -30.89 0.10
CA VAL A 227 58.50 -29.61 -0.61
C VAL A 227 58.17 -28.46 0.37
N LEU A 228 58.61 -27.25 0.04
CA LEU A 228 58.80 -26.14 0.98
C LEU A 228 57.62 -25.20 1.08
N PHE A 229 56.69 -25.26 0.16
CA PHE A 229 55.63 -24.21 0.06
C PHE A 229 54.26 -24.83 0.39
N GLN A 230 54.24 -25.72 1.39
CA GLN A 230 53.10 -26.64 1.75
C GLN A 230 52.95 -26.80 3.27
N SER B 3 7.58 -10.65 10.29
CA SER B 3 7.20 -11.95 10.92
C SER B 3 8.07 -13.05 10.30
N VAL B 4 8.88 -13.71 11.11
CA VAL B 4 9.68 -14.89 10.67
C VAL B 4 8.68 -16.05 10.63
N VAL B 5 8.63 -16.84 9.58
CA VAL B 5 7.80 -18.07 9.65
C VAL B 5 8.75 -19.24 9.48
N THR B 6 8.55 -20.25 10.32
CA THR B 6 9.44 -21.41 10.55
C THR B 6 8.81 -22.67 9.94
N GLN B 7 9.50 -23.29 9.00
CA GLN B 7 9.15 -24.65 8.51
C GLN B 7 10.30 -25.55 8.88
N PRO B 8 10.01 -26.81 9.21
CA PRO B 8 11.07 -27.79 9.39
C PRO B 8 11.74 -28.02 8.03
N PRO B 9 13.09 -28.14 8.00
CA PRO B 9 13.79 -28.33 6.75
C PRO B 9 13.39 -29.64 6.05
N SER B 10 13.03 -30.68 6.79
CA SER B 10 12.71 -31.96 6.13
C SER B 10 11.72 -32.77 6.96
N VAL B 11 10.93 -33.58 6.25
CA VAL B 11 9.95 -34.51 6.82
C VAL B 11 10.08 -35.77 5.96
N SER B 12 10.06 -36.93 6.58
CA SER B 12 10.11 -38.26 5.90
C SER B 12 8.84 -38.97 6.30
N VAL B 13 8.19 -39.68 5.39
CA VAL B 13 6.95 -40.44 5.67
C VAL B 13 6.99 -41.67 4.77
N ALA B 14 6.54 -42.80 5.27
CA ALA B 14 6.37 -44.04 4.48
C ALA B 14 5.17 -43.85 3.56
N PRO B 15 5.16 -44.45 2.34
CA PRO B 15 4.03 -44.35 1.44
C PRO B 15 2.76 -44.93 2.10
N GLY B 16 1.63 -44.25 1.95
CA GLY B 16 0.39 -44.64 2.63
C GLY B 16 0.14 -43.91 3.95
N LYS B 17 1.17 -43.38 4.59
CA LYS B 17 1.04 -42.69 5.88
C LYS B 17 0.68 -41.24 5.58
N THR B 18 0.44 -40.47 6.62
CA THR B 18 0.03 -39.05 6.57
C THR B 18 1.24 -38.18 6.88
N ALA B 19 1.54 -37.22 6.02
CA ALA B 19 2.63 -36.26 6.20
C ALA B 19 2.00 -34.98 6.72
N ARG B 20 2.63 -34.37 7.71
CA ARG B 20 2.22 -33.06 8.24
C ARG B 20 3.41 -32.11 8.10
N ILE B 21 3.23 -31.04 7.36
CA ILE B 21 4.27 -30.02 7.22
C ILE B 21 3.76 -28.77 7.93
N THR B 22 4.52 -28.27 8.89
CA THR B 22 4.10 -27.08 9.67
C THR B 22 4.83 -25.82 9.20
N CYS B 23 4.12 -24.73 9.48
CA CYS B 23 4.47 -23.35 9.20
C CYS B 23 4.15 -22.57 10.48
N GLY B 24 5.18 -22.23 11.24
CA GLY B 24 5.04 -21.66 12.59
C GLY B 24 5.30 -20.17 12.57
N GLY B 25 4.47 -19.41 13.28
CA GLY B 25 4.73 -17.96 13.44
C GLY B 25 3.79 -17.37 14.46
N ASN B 26 4.21 -16.31 15.15
CA ASN B 26 3.35 -15.74 16.21
C ASN B 26 2.02 -15.28 15.57
N ASN B 27 0.89 -15.84 16.03
CA ASN B 27 -0.46 -15.40 15.63
C ASN B 27 -0.63 -15.61 14.11
N ILE B 28 0.01 -16.66 13.56
CA ILE B 28 -0.23 -17.03 12.13
C ILE B 28 -1.69 -17.35 11.94
N GLY B 29 -2.40 -17.79 12.99
CA GLY B 29 -3.84 -18.12 12.90
C GLY B 29 -4.72 -16.95 12.49
N SER B 30 -4.25 -15.72 12.69
CA SER B 30 -4.95 -14.48 12.31
C SER B 30 -4.66 -14.09 10.88
N LYS B 31 -3.79 -14.84 10.19
CA LYS B 31 -3.33 -14.52 8.83
C LYS B 31 -3.85 -15.61 7.89
N SER B 32 -3.67 -15.45 6.60
CA SER B 32 -4.12 -16.46 5.60
C SER B 32 -2.88 -17.16 5.05
N VAL B 33 -2.90 -18.49 4.99
CA VAL B 33 -1.72 -19.27 4.59
C VAL B 33 -2.00 -20.07 3.32
N HIS B 34 -1.09 -19.95 2.37
CA HIS B 34 -1.12 -20.68 1.08
C HIS B 34 0.03 -21.69 1.14
N TRP B 35 -0.10 -22.76 0.37
CA TRP B 35 0.95 -23.79 0.26
C TRP B 35 1.22 -24.09 -1.21
N TYR B 36 2.51 -24.24 -1.50
CA TYR B 36 3.04 -24.56 -2.82
C TYR B 36 3.84 -25.86 -2.77
N GLN B 37 3.74 -26.59 -3.86
CA GLN B 37 4.54 -27.81 -4.11
C GLN B 37 5.52 -27.48 -5.20
N GLN B 38 6.81 -27.76 -4.98
CA GLN B 38 7.81 -27.58 -6.04
C GLN B 38 8.65 -28.84 -6.22
N LYS B 39 8.53 -29.44 -7.38
CA LYS B 39 9.39 -30.59 -7.78
C LYS B 39 10.65 -30.07 -8.44
N PRO B 40 11.76 -30.85 -8.43
CA PRO B 40 13.02 -30.33 -8.94
C PRO B 40 12.89 -30.05 -10.44
N GLY B 41 13.47 -28.93 -10.87
CA GLY B 41 13.39 -28.42 -12.24
C GLY B 41 12.02 -27.88 -12.61
N GLN B 42 11.07 -27.79 -11.67
CA GLN B 42 9.72 -27.28 -12.00
C GLN B 42 9.43 -26.00 -11.21
N ALA B 43 8.47 -25.21 -11.69
CA ALA B 43 7.88 -24.05 -11.01
C ALA B 43 7.02 -24.54 -9.87
N PRO B 44 6.82 -23.71 -8.84
CA PRO B 44 5.85 -24.05 -7.80
C PRO B 44 4.44 -24.19 -8.38
N VAL B 45 3.65 -25.01 -7.70
CA VAL B 45 2.22 -25.26 -7.94
C VAL B 45 1.48 -24.95 -6.65
N LEU B 46 0.43 -24.13 -6.72
CA LEU B 46 -0.44 -23.84 -5.56
C LEU B 46 -1.28 -25.07 -5.23
N VAL B 47 -1.18 -25.58 -4.00
CA VAL B 47 -1.95 -26.80 -3.61
C VAL B 47 -3.00 -26.48 -2.57
N VAL B 48 -2.81 -25.44 -1.75
CA VAL B 48 -3.81 -25.00 -0.73
C VAL B 48 -3.77 -23.48 -0.73
N PHE B 49 -4.91 -22.81 -0.68
CA PHE B 49 -4.89 -21.34 -0.48
C PHE B 49 -5.92 -21.00 0.57
N ASP B 50 -5.67 -19.86 1.22
CA ASP B 50 -6.55 -19.33 2.28
C ASP B 50 -6.79 -20.43 3.31
N ASP B 51 -5.70 -20.98 3.84
CA ASP B 51 -5.68 -21.95 4.97
C ASP B 51 -6.05 -23.37 4.52
N SER B 52 -7.14 -23.53 3.80
CA SER B 52 -7.83 -24.85 3.68
C SER B 52 -8.48 -25.03 2.33
N ALA B 53 -8.53 -24.04 1.44
CA ALA B 53 -9.16 -24.22 0.11
C ALA B 53 -8.19 -24.89 -0.86
N ARG B 54 -8.74 -25.75 -1.70
CA ARG B 54 -8.00 -26.54 -2.70
C ARG B 54 -8.33 -26.01 -4.10
N PRO B 55 -7.34 -25.54 -4.88
CA PRO B 55 -7.58 -25.23 -6.29
C PRO B 55 -8.09 -26.48 -7.03
N SER B 56 -8.85 -26.27 -8.12
CA SER B 56 -9.45 -27.42 -8.83
C SER B 56 -8.30 -28.24 -9.40
N GLY B 57 -8.47 -29.55 -9.38
CA GLY B 57 -7.50 -30.46 -9.96
C GLY B 57 -6.50 -30.94 -8.94
N ILE B 58 -6.43 -30.34 -7.75
CA ILE B 58 -5.53 -30.80 -6.65
C ILE B 58 -6.25 -31.94 -5.95
N PRO B 59 -5.58 -33.09 -5.72
CA PRO B 59 -6.23 -34.17 -4.98
C PRO B 59 -6.73 -33.77 -3.59
N GLU B 60 -7.84 -34.36 -3.20
CA GLU B 60 -8.47 -34.27 -1.88
C GLU B 60 -7.53 -34.70 -0.73
N ARG B 61 -6.47 -35.46 -1.02
CA ARG B 61 -5.51 -35.91 0.03
C ARG B 61 -4.78 -34.69 0.64
N PHE B 62 -4.69 -33.59 -0.11
CA PHE B 62 -4.04 -32.32 0.29
C PHE B 62 -5.04 -31.49 1.08
N SER B 63 -4.79 -31.26 2.37
CA SER B 63 -5.70 -30.42 3.21
C SER B 63 -4.86 -29.48 4.07
N GLY B 64 -5.37 -28.29 4.31
CA GLY B 64 -4.67 -27.31 5.14
C GLY B 64 -5.48 -26.97 6.37
N SER B 65 -4.78 -26.59 7.43
CA SER B 65 -5.41 -25.95 8.61
C SER B 65 -4.52 -24.82 9.14
N ASN B 66 -5.10 -23.94 9.95
CA ASN B 66 -4.36 -22.78 10.47
C ASN B 66 -5.05 -22.29 11.75
N SER B 67 -4.39 -22.35 12.88
CA SER B 67 -4.94 -21.76 14.11
C SER B 67 -3.78 -21.47 15.03
N GLY B 68 -3.95 -20.48 15.92
CA GLY B 68 -2.92 -20.16 16.91
C GLY B 68 -1.63 -19.75 16.25
N ASN B 69 -0.53 -20.43 16.59
CA ASN B 69 0.84 -20.15 16.08
C ASN B 69 1.27 -21.19 15.04
N THR B 70 0.37 -22.03 14.54
CA THR B 70 0.76 -23.12 13.60
C THR B 70 -0.25 -23.28 12.46
N ALA B 71 0.27 -23.19 11.26
CA ALA B 71 -0.46 -23.68 10.07
C ALA B 71 0.14 -25.03 9.65
N THR B 72 -0.69 -25.91 9.12
CA THR B 72 -0.27 -27.29 8.73
C THR B 72 -0.83 -27.63 7.37
N LEU B 73 0.03 -28.15 6.50
CA LEU B 73 -0.34 -28.90 5.30
C LEU B 73 -0.33 -30.38 5.65
N THR B 74 -1.46 -31.04 5.50
CA THR B 74 -1.60 -32.48 5.82
C THR B 74 -1.78 -33.19 4.47
N ILE B 75 -0.91 -34.16 4.17
CA ILE B 75 -1.06 -34.98 2.93
C ILE B 75 -1.37 -36.39 3.39
N SER B 76 -2.59 -36.83 3.20
CA SER B 76 -2.95 -38.20 3.57
C SER B 76 -2.56 -39.16 2.42
N ARG B 77 -2.35 -40.44 2.78
CA ARG B 77 -2.10 -41.53 1.80
C ARG B 77 -0.97 -41.05 0.89
N VAL B 78 0.12 -40.60 1.48
CA VAL B 78 1.21 -40.00 0.67
C VAL B 78 1.72 -41.02 -0.35
N GLU B 79 2.07 -40.54 -1.54
CA GLU B 79 2.51 -41.35 -2.69
C GLU B 79 3.89 -40.88 -3.12
N ALA B 80 4.65 -41.72 -3.79
CA ALA B 80 6.02 -41.43 -4.27
C ALA B 80 6.03 -40.09 -5.01
N GLY B 81 5.00 -39.82 -5.81
CA GLY B 81 4.86 -38.61 -6.65
C GLY B 81 4.65 -37.34 -5.83
N ASP B 82 4.43 -37.43 -4.51
CA ASP B 82 4.26 -36.26 -3.61
C ASP B 82 5.62 -35.75 -3.15
N GLU B 83 6.69 -36.50 -3.40
CA GLU B 83 8.04 -36.05 -3.02
C GLU B 83 8.32 -34.72 -3.72
N ALA B 84 8.68 -33.71 -2.93
CA ALA B 84 8.76 -32.34 -3.42
C ALA B 84 9.27 -31.48 -2.28
N ASP B 85 9.58 -30.24 -2.60
CA ASP B 85 9.71 -29.17 -1.58
C ASP B 85 8.36 -28.47 -1.44
N TYR B 86 7.98 -28.15 -0.20
CA TYR B 86 6.68 -27.52 0.10
C TYR B 86 7.00 -26.17 0.74
N TYR B 87 6.34 -25.12 0.28
CA TYR B 87 6.49 -23.74 0.85
C TYR B 87 5.15 -23.22 1.31
N CYS B 88 5.14 -22.60 2.51
CA CYS B 88 4.00 -21.83 3.00
C CYS B 88 4.28 -20.35 2.66
N GLN B 89 3.18 -19.63 2.52
CA GLN B 89 3.16 -18.17 2.22
C GLN B 89 2.12 -17.57 3.15
N VAL B 90 2.45 -16.42 3.78
CA VAL B 90 1.54 -15.82 4.78
C VAL B 90 1.04 -14.49 4.20
N TRP B 91 -0.28 -14.33 4.13
CA TRP B 91 -0.93 -13.02 3.81
C TRP B 91 -1.45 -12.41 5.10
N ASP B 92 -1.33 -11.09 5.23
CA ASP B 92 -1.83 -10.30 6.39
C ASP B 92 -2.60 -9.08 5.82
N ASN B 93 -3.82 -8.87 6.25
CA ASN B 93 -4.64 -7.75 5.73
C ASN B 93 -3.93 -6.40 5.97
N ASN B 94 -3.05 -6.33 6.95
CA ASN B 94 -2.50 -5.03 7.44
C ASN B 94 -1.03 -4.90 7.05
N SER B 95 -0.50 -5.67 6.10
CA SER B 95 0.83 -5.36 5.52
C SER B 95 0.90 -5.83 4.07
N ASP B 96 1.91 -5.37 3.34
CA ASP B 96 2.04 -5.59 1.91
C ASP B 96 2.94 -6.80 1.64
N ASP B 97 3.91 -7.09 2.52
CA ASP B 97 5.06 -7.96 2.13
C ASP B 97 4.59 -9.42 2.02
N VAL B 98 5.16 -10.13 1.06
CA VAL B 98 4.88 -11.59 0.87
C VAL B 98 5.97 -12.34 1.63
N VAL B 99 5.56 -13.09 2.63
CA VAL B 99 6.45 -13.89 3.49
C VAL B 99 6.27 -15.36 3.11
N PHE B 100 7.38 -15.99 2.82
CA PHE B 100 7.43 -17.45 2.52
C PHE B 100 8.18 -18.10 3.66
N GLY B 101 7.77 -19.29 4.08
CA GLY B 101 8.64 -20.13 4.90
C GLY B 101 9.86 -20.59 4.13
N GLY B 102 10.81 -21.17 4.84
CA GLY B 102 12.08 -21.60 4.24
C GLY B 102 11.96 -22.87 3.37
N GLY B 103 10.81 -23.54 3.34
CA GLY B 103 10.63 -24.77 2.52
C GLY B 103 10.84 -26.01 3.35
N THR B 104 10.12 -27.08 3.02
CA THR B 104 10.30 -28.40 3.65
C THR B 104 10.47 -29.42 2.53
N LYS B 105 11.56 -30.17 2.54
CA LYS B 105 11.76 -31.33 1.65
C LYS B 105 10.97 -32.51 2.22
N LEU B 106 9.97 -32.98 1.48
CA LEU B 106 9.22 -34.18 1.82
C LEU B 106 9.85 -35.38 1.11
N THR B 107 10.37 -36.31 1.91
CA THR B 107 10.85 -37.60 1.38
C THR B 107 9.77 -38.64 1.63
N VAL B 108 9.43 -39.37 0.59
CA VAL B 108 8.49 -40.52 0.70
C VAL B 108 9.37 -41.78 0.69
N LEU B 109 9.36 -42.48 1.82
CA LEU B 109 10.38 -43.51 2.12
C LEU B 109 10.12 -44.80 1.33
N GLY B 110 10.87 -44.99 0.27
CA GLY B 110 10.89 -46.22 -0.55
C GLY B 110 12.14 -47.06 -0.39
N GLN B 111 13.01 -46.73 0.58
CA GLN B 111 14.22 -47.50 0.86
C GLN B 111 14.57 -47.24 2.33
N PRO B 112 15.45 -48.05 2.89
CA PRO B 112 15.84 -47.89 4.29
C PRO B 112 16.60 -46.58 4.52
N LYS B 113 16.41 -46.01 5.70
CA LYS B 113 17.24 -44.88 6.13
C LYS B 113 18.68 -45.34 6.22
N ALA B 114 19.60 -44.46 5.88
CA ALA B 114 21.03 -44.78 5.82
C ALA B 114 21.84 -43.57 6.31
N ALA B 115 22.69 -43.79 7.33
CA ALA B 115 23.54 -42.72 7.87
C ALA B 115 24.65 -42.44 6.87
N PRO B 116 25.13 -41.18 6.82
CA PRO B 116 26.18 -40.81 5.89
C PRO B 116 27.55 -41.36 6.24
N SER B 117 28.35 -41.69 5.22
CA SER B 117 29.83 -41.83 5.32
C SER B 117 30.42 -40.45 5.04
N VAL B 118 31.38 -40.06 5.86
CA VAL B 118 31.98 -38.71 5.75
C VAL B 118 33.47 -38.91 5.51
N THR B 119 33.99 -38.30 4.44
CA THR B 119 35.45 -38.32 4.17
C THR B 119 35.91 -36.87 4.10
N LEU B 120 36.87 -36.48 4.95
CA LEU B 120 37.36 -35.09 4.95
C LEU B 120 38.77 -35.08 4.33
N PHE B 121 38.91 -34.46 3.17
CA PHE B 121 40.20 -34.29 2.43
C PHE B 121 40.84 -32.98 2.87
N PRO B 122 42.09 -33.07 3.38
CA PRO B 122 42.89 -31.86 3.58
C PRO B 122 43.21 -31.18 2.24
N PRO B 123 43.71 -29.93 2.27
CA PRO B 123 44.19 -29.25 1.05
C PRO B 123 45.30 -30.11 0.42
N SER B 124 45.26 -30.30 -0.90
CA SER B 124 46.31 -31.04 -1.66
C SER B 124 47.64 -30.27 -1.63
N SER B 125 48.76 -30.97 -1.72
CA SER B 125 50.08 -30.32 -1.94
C SER B 125 49.98 -29.39 -3.16
N GLU B 126 49.33 -29.80 -4.24
CA GLU B 126 49.30 -28.97 -5.45
C GLU B 126 48.59 -27.65 -5.14
N GLU B 127 47.44 -27.70 -4.46
CA GLU B 127 46.67 -26.45 -4.20
C GLU B 127 47.51 -25.54 -3.29
N LEU B 128 48.12 -26.12 -2.29
CA LEU B 128 48.92 -25.31 -1.33
C LEU B 128 50.08 -24.62 -2.07
N GLN B 129 50.71 -25.30 -3.03
CA GLN B 129 51.77 -24.74 -3.93
C GLN B 129 51.20 -23.52 -4.61
N ALA B 130 49.92 -23.57 -5.02
CA ALA B 130 49.22 -22.48 -5.71
C ALA B 130 48.73 -21.41 -4.73
N ASN B 131 49.07 -21.54 -3.44
CA ASN B 131 48.81 -20.53 -2.38
C ASN B 131 47.30 -20.46 -2.09
N LYS B 132 46.64 -21.62 -2.14
CA LYS B 132 45.20 -21.75 -1.76
C LYS B 132 45.05 -22.99 -0.91
N ALA B 133 43.96 -23.07 -0.16
CA ALA B 133 43.72 -24.22 0.72
C ALA B 133 42.19 -24.43 0.74
N THR B 134 41.75 -25.56 0.24
CA THR B 134 40.32 -25.96 0.34
C THR B 134 40.26 -27.27 1.14
N LEU B 135 39.51 -27.28 2.23
CA LEU B 135 39.06 -28.56 2.84
C LEU B 135 37.79 -29.04 2.13
N VAL B 136 37.76 -30.29 1.75
CA VAL B 136 36.64 -30.92 1.00
C VAL B 136 36.03 -32.02 1.88
N CYS B 137 34.80 -31.78 2.29
CA CYS B 137 34.00 -32.73 3.09
C CYS B 137 33.02 -33.42 2.14
N LEU B 138 33.30 -34.68 1.81
CA LEU B 138 32.47 -35.51 0.92
C LEU B 138 31.59 -36.41 1.82
N ILE B 139 30.31 -36.35 1.54
CA ILE B 139 29.25 -36.97 2.38
C ILE B 139 28.51 -37.95 1.47
N SER B 140 28.46 -39.23 1.79
CA SER B 140 27.99 -40.22 0.82
C SER B 140 27.04 -41.24 1.45
N ASP B 141 26.25 -41.88 0.59
CA ASP B 141 25.42 -43.07 0.93
C ASP B 141 24.43 -42.74 2.04
N PHE B 142 23.82 -41.56 2.04
CA PHE B 142 22.80 -41.28 3.09
C PHE B 142 21.39 -41.21 2.49
N TYR B 143 20.41 -41.43 3.36
CA TYR B 143 18.98 -41.36 3.00
C TYR B 143 18.18 -41.20 4.28
N PRO B 144 17.21 -40.29 4.41
CA PRO B 144 16.80 -39.36 3.33
C PRO B 144 17.87 -38.34 2.92
N GLY B 145 17.65 -37.69 1.78
CA GLY B 145 18.65 -36.77 1.18
C GLY B 145 18.56 -35.40 1.83
N ALA B 146 18.80 -35.26 3.12
CA ALA B 146 18.77 -33.97 3.83
C ALA B 146 19.87 -33.96 4.89
N VAL B 147 20.78 -33.00 4.86
CA VAL B 147 21.81 -32.90 5.94
C VAL B 147 22.02 -31.43 6.25
N THR B 148 22.64 -31.16 7.38
CA THR B 148 23.24 -29.87 7.78
C THR B 148 24.74 -30.09 7.98
N VAL B 149 25.57 -29.13 7.57
CA VAL B 149 27.03 -29.24 7.72
C VAL B 149 27.54 -28.04 8.51
N ALA B 150 28.41 -28.26 9.46
CA ALA B 150 29.03 -27.19 10.26
C ALA B 150 30.52 -27.50 10.32
N TRP B 151 31.33 -26.45 10.36
CA TRP B 151 32.79 -26.61 10.34
C TRP B 151 33.38 -26.06 11.64
N LYS B 152 34.48 -26.64 12.11
CA LYS B 152 35.21 -26.12 13.29
C LYS B 152 36.67 -25.93 12.94
N ALA B 153 37.28 -24.86 13.47
CA ALA B 153 38.75 -24.69 13.54
C ALA B 153 39.16 -24.91 14.99
N ASP B 154 39.99 -25.93 15.28
CA ASP B 154 40.15 -26.47 16.64
C ASP B 154 38.74 -26.73 17.18
N SER B 155 38.32 -26.00 18.21
CA SER B 155 37.04 -26.23 18.92
C SER B 155 36.01 -25.19 18.53
N SER B 156 36.39 -24.21 17.73
CA SER B 156 35.55 -23.02 17.48
C SER B 156 34.83 -23.19 16.16
N PRO B 157 33.53 -22.80 16.10
CA PRO B 157 32.79 -22.77 14.85
C PRO B 157 33.40 -21.81 13.83
N VAL B 158 33.29 -22.17 12.56
CA VAL B 158 33.71 -21.37 11.39
C VAL B 158 32.56 -21.26 10.39
N LYS B 159 32.13 -20.04 10.07
CA LYS B 159 31.03 -19.81 9.08
C LYS B 159 31.57 -19.24 7.76
N ALA B 160 32.57 -18.36 7.81
CA ALA B 160 33.15 -17.75 6.58
C ALA B 160 33.86 -18.81 5.72
N GLY B 161 33.72 -18.71 4.40
CA GLY B 161 34.45 -19.55 3.44
C GLY B 161 33.83 -20.94 3.28
N VAL B 162 32.57 -21.11 3.68
CA VAL B 162 31.84 -22.42 3.57
C VAL B 162 30.86 -22.36 2.40
N GLU B 163 30.89 -23.38 1.55
CA GLU B 163 29.91 -23.63 0.48
C GLU B 163 29.49 -25.08 0.64
N THR B 164 28.18 -25.33 0.56
CA THR B 164 27.64 -26.71 0.66
C THR B 164 26.71 -26.93 -0.52
N THR B 165 26.80 -28.05 -1.19
CA THR B 165 25.88 -28.46 -2.28
C THR B 165 24.60 -29.06 -1.68
N THR B 166 23.51 -28.97 -2.44
CA THR B 166 22.23 -29.68 -2.20
C THR B 166 22.40 -31.15 -2.47
N PRO B 167 21.94 -32.04 -1.57
CA PRO B 167 22.17 -33.46 -1.77
C PRO B 167 21.73 -33.93 -3.15
N SER B 168 22.49 -34.82 -3.77
CA SER B 168 22.34 -35.27 -5.16
C SER B 168 22.18 -36.78 -5.09
N LYS B 169 21.29 -37.38 -5.90
CA LYS B 169 21.17 -38.84 -5.96
C LYS B 169 22.40 -39.47 -6.60
N GLN B 170 22.98 -40.46 -5.94
CA GLN B 170 24.03 -41.35 -6.41
C GLN B 170 23.40 -42.40 -7.32
N SER B 171 24.26 -43.09 -8.09
CA SER B 171 23.84 -44.17 -9.00
C SER B 171 23.23 -45.33 -8.19
N ASN B 172 23.56 -45.49 -6.90
CA ASN B 172 22.96 -46.57 -6.07
C ASN B 172 21.69 -46.11 -5.36
N ASN B 173 21.12 -44.95 -5.73
CA ASN B 173 19.85 -44.37 -5.22
C ASN B 173 19.92 -43.78 -3.78
N LYS B 174 21.05 -43.90 -3.10
CA LYS B 174 21.27 -43.06 -1.90
C LYS B 174 21.73 -41.67 -2.35
N TYR B 175 21.88 -40.74 -1.41
CA TYR B 175 22.29 -39.34 -1.63
C TYR B 175 23.76 -39.11 -1.21
N ALA B 176 24.34 -38.11 -1.85
CA ALA B 176 25.69 -37.56 -1.57
C ALA B 176 25.57 -36.06 -1.47
N ALA B 177 26.45 -35.41 -0.72
CA ALA B 177 26.60 -33.95 -0.67
C ALA B 177 28.08 -33.62 -0.41
N SER B 178 28.41 -32.37 -0.64
CA SER B 178 29.81 -31.89 -0.58
C SER B 178 29.77 -30.58 0.15
N SER B 179 30.77 -30.31 1.00
CA SER B 179 30.94 -29.02 1.66
C SER B 179 32.43 -28.65 1.55
N TYR B 180 32.69 -27.39 1.34
CA TYR B 180 34.03 -26.82 1.10
C TYR B 180 34.31 -25.73 2.13
N LEU B 181 35.47 -25.80 2.76
CA LEU B 181 35.93 -24.67 3.59
C LEU B 181 37.19 -24.10 2.93
N SER B 182 37.10 -22.86 2.47
CA SER B 182 38.17 -22.13 1.72
C SER B 182 39.03 -21.37 2.73
N LEU B 183 40.28 -21.74 2.85
CA LEU B 183 41.24 -21.11 3.79
C LEU B 183 42.44 -20.57 2.98
N THR B 184 43.25 -19.72 3.62
CA THR B 184 44.63 -19.44 3.14
C THR B 184 45.52 -20.56 3.66
N PRO B 185 46.67 -20.83 3.00
CA PRO B 185 47.64 -21.77 3.54
C PRO B 185 48.05 -21.41 4.97
N GLU B 186 48.13 -20.11 5.30
CA GLU B 186 48.54 -19.66 6.66
C GLU B 186 47.51 -20.13 7.70
N GLN B 187 46.22 -19.81 7.47
CA GLN B 187 45.10 -20.22 8.34
C GLN B 187 45.11 -21.73 8.51
N TRP B 188 45.28 -22.49 7.42
CA TRP B 188 45.36 -23.97 7.46
C TRP B 188 46.40 -24.36 8.52
N LYS B 189 47.61 -23.81 8.42
CA LYS B 189 48.76 -24.34 9.21
C LYS B 189 48.73 -23.78 10.62
N SER B 190 47.89 -22.78 10.90
CA SER B 190 47.86 -22.00 12.17
C SER B 190 46.92 -22.64 13.22
N HIS B 191 46.12 -23.65 12.86
CA HIS B 191 45.26 -24.39 13.81
C HIS B 191 45.82 -25.79 13.99
N ARG B 192 45.52 -26.43 15.12
CA ARG B 192 45.91 -27.84 15.38
C ARG B 192 45.02 -28.77 14.55
N SER B 193 43.76 -28.40 14.37
CA SER B 193 42.83 -29.32 13.64
C SER B 193 41.66 -28.56 13.02
N TYR B 194 41.05 -29.18 12.00
CA TYR B 194 39.79 -28.73 11.38
C TYR B 194 38.84 -29.93 11.37
N SER B 195 37.56 -29.64 11.50
CA SER B 195 36.48 -30.66 11.58
C SER B 195 35.30 -30.27 10.68
N CYS B 196 34.73 -31.29 10.04
CA CYS B 196 33.45 -31.24 9.29
C CYS B 196 32.43 -32.06 10.10
N GLN B 197 31.34 -31.43 10.50
CA GLN B 197 30.28 -32.06 11.33
C GLN B 197 29.01 -32.17 10.46
N VAL B 198 28.53 -33.39 10.27
CA VAL B 198 27.36 -33.63 9.39
C VAL B 198 26.18 -34.11 10.26
N THR B 199 25.11 -33.35 10.26
CA THR B 199 23.86 -33.70 11.00
C THR B 199 22.90 -34.38 10.01
N HIS B 200 22.43 -35.56 10.37
CA HIS B 200 21.47 -36.37 9.60
C HIS B 200 20.52 -37.05 10.59
N GLU B 201 19.23 -36.79 10.46
CA GLU B 201 18.20 -37.52 11.27
C GLU B 201 18.52 -37.26 12.77
N GLY B 202 18.90 -36.03 13.17
CA GLY B 202 19.38 -35.73 14.55
C GLY B 202 20.47 -36.66 15.15
N SER B 203 21.36 -37.24 14.33
CA SER B 203 22.69 -37.77 14.71
C SER B 203 23.74 -36.85 14.01
N THR B 204 24.91 -36.65 14.61
CA THR B 204 26.04 -35.83 14.04
C THR B 204 27.25 -36.71 13.93
N VAL B 205 27.86 -36.78 12.75
CA VAL B 205 29.13 -37.49 12.51
C VAL B 205 30.16 -36.41 12.22
N GLU B 206 31.29 -36.46 12.90
CA GLU B 206 32.35 -35.42 12.78
C GLU B 206 33.64 -36.09 12.35
N LYS B 207 34.26 -35.56 11.30
CA LYS B 207 35.58 -36.04 10.86
C LYS B 207 36.57 -34.92 11.09
N THR B 208 37.77 -35.26 11.52
CA THR B 208 38.78 -34.25 11.84
C THR B 208 40.05 -34.53 11.02
N VAL B 209 40.74 -33.46 10.62
CA VAL B 209 42.10 -33.55 9.99
C VAL B 209 43.00 -32.56 10.69
N ALA B 210 44.29 -32.86 10.72
CA ALA B 210 45.32 -32.03 11.36
C ALA B 210 46.41 -31.70 10.33
N PRO B 211 46.80 -30.42 10.19
CA PRO B 211 47.91 -30.04 9.33
C PRO B 211 49.20 -30.87 9.51
N THR B 212 49.47 -31.34 10.73
CA THR B 212 50.75 -32.01 11.12
C THR B 212 50.70 -33.54 10.98
N GLU B 213 49.55 -34.17 10.70
CA GLU B 213 49.46 -35.62 10.30
C GLU B 213 49.57 -35.74 8.78
N ARG C 1 -33.53 -18.03 0.25
CA ARG C 1 -33.20 -16.56 0.33
C ARG C 1 -32.38 -16.15 -0.90
N ILE C 2 -32.43 -14.87 -1.29
CA ILE C 2 -31.73 -14.35 -2.51
C ILE C 2 -30.67 -13.29 -2.14
N CYS C 3 -29.41 -13.58 -2.51
CA CYS C 3 -28.19 -12.79 -2.19
C CYS C 3 -27.42 -12.44 -3.48
N TYR C 4 -26.91 -11.22 -3.58
CA TYR C 4 -25.83 -10.83 -4.55
C TYR C 4 -24.64 -11.79 -4.40
N ASN C 5 -23.90 -12.03 -5.47
CA ASN C 5 -22.69 -12.89 -5.39
C ASN C 5 -21.61 -12.39 -6.35
N HIS C 6 -21.73 -11.16 -6.86
CA HIS C 6 -20.74 -10.55 -7.78
C HIS C 6 -19.50 -10.10 -6.98
N GLN C 7 -18.32 -10.17 -7.61
CA GLN C 7 -17.01 -9.82 -7.02
C GLN C 7 -16.76 -8.32 -7.22
N SER C 8 -16.20 -7.66 -6.21
CA SER C 8 -15.68 -6.27 -6.26
C SER C 8 -16.70 -5.36 -6.93
N THR C 9 -16.38 -4.75 -8.08
CA THR C 9 -17.30 -3.83 -8.80
C THR C 9 -17.56 -4.36 -10.22
N THR C 10 -17.59 -5.70 -10.38
CA THR C 10 -18.13 -6.35 -11.59
C THR C 10 -19.66 -6.16 -11.58
N ARG C 11 -20.33 -6.57 -12.67
CA ARG C 11 -21.79 -6.39 -12.87
C ARG C 11 -22.55 -7.23 -11.82
N ALA C 12 -23.55 -6.61 -11.19
CA ALA C 12 -24.43 -7.21 -10.16
C ALA C 12 -25.00 -8.54 -10.67
N THR C 13 -24.92 -9.58 -9.84
CA THR C 13 -25.52 -10.91 -10.09
C THR C 13 -26.03 -11.40 -8.73
N THR C 14 -27.03 -12.28 -8.73
CA THR C 14 -27.73 -12.74 -7.50
C THR C 14 -27.77 -14.26 -7.50
N LYS C 15 -28.23 -14.85 -6.41
CA LYS C 15 -28.18 -16.30 -6.20
C LYS C 15 -29.14 -16.69 -5.08
N SER C 16 -29.74 -17.86 -5.19
CA SER C 16 -30.70 -18.44 -4.23
C SER C 16 -29.92 -19.15 -3.13
N CYS C 17 -30.20 -18.82 -1.87
CA CYS C 17 -29.46 -19.29 -0.66
C CYS C 17 -30.45 -19.92 0.33
N GLU C 18 -30.17 -21.15 0.75
CA GLU C 18 -30.95 -21.85 1.82
C GLU C 18 -30.58 -21.25 3.18
N GLU C 19 -29.69 -20.26 3.24
CA GLU C 19 -29.38 -19.48 4.46
C GLU C 19 -30.30 -18.26 4.53
N ASN C 20 -30.30 -17.59 5.68
CA ASN C 20 -31.25 -16.52 6.09
C ASN C 20 -30.55 -15.15 6.15
N SER C 21 -29.21 -15.14 6.24
CA SER C 21 -28.36 -13.92 6.07
C SER C 21 -27.56 -14.03 4.77
N CYS C 22 -27.34 -12.88 4.11
CA CYS C 22 -26.32 -12.68 3.05
C CYS C 22 -25.06 -12.06 3.67
N TYR C 23 -23.95 -12.05 2.91
CA TYR C 23 -22.67 -11.43 3.34
C TYR C 23 -22.01 -10.67 2.21
N LYS C 24 -21.35 -9.58 2.62
CA LYS C 24 -20.35 -8.84 1.82
C LYS C 24 -19.03 -8.86 2.60
N LYS C 25 -17.96 -9.39 2.00
CA LYS C 25 -16.62 -9.53 2.65
C LYS C 25 -15.61 -8.68 1.86
N TYR C 26 -14.74 -7.95 2.54
CA TYR C 26 -13.81 -7.08 1.80
C TYR C 26 -12.46 -7.03 2.53
N TRP C 27 -11.40 -6.99 1.72
CA TRP C 27 -10.03 -7.07 2.24
C TRP C 27 -9.13 -6.36 1.28
N ARG C 28 -7.85 -6.26 1.64
CA ARG C 28 -6.81 -5.65 0.79
C ARG C 28 -5.81 -6.71 0.34
N ASP C 29 -5.62 -6.82 -0.97
CA ASP C 29 -4.47 -7.58 -1.52
C ASP C 29 -3.78 -6.68 -2.54
N HIS C 30 -2.80 -7.17 -3.28
CA HIS C 30 -1.98 -6.34 -4.19
C HIS C 30 -2.86 -5.69 -5.27
N ARG C 31 -4.05 -6.21 -5.52
CA ARG C 31 -4.98 -5.59 -6.51
C ARG C 31 -5.58 -4.30 -5.92
N GLY C 32 -5.75 -4.25 -4.61
CA GLY C 32 -6.48 -3.16 -3.94
C GLY C 32 -7.59 -3.71 -3.08
N THR C 33 -8.69 -2.98 -2.96
CA THR C 33 -9.83 -3.45 -2.15
C THR C 33 -10.59 -4.48 -2.97
N ILE C 34 -10.82 -5.64 -2.40
CA ILE C 34 -11.52 -6.76 -3.04
C ILE C 34 -12.76 -7.04 -2.20
N ILE C 35 -13.85 -7.37 -2.90
CA ILE C 35 -15.16 -7.62 -2.27
C ILE C 35 -15.63 -8.97 -2.78
N GLU C 36 -16.07 -9.80 -1.85
CA GLU C 36 -16.72 -11.09 -2.16
C GLU C 36 -18.15 -11.01 -1.57
N ARG C 37 -19.10 -11.55 -2.30
CA ARG C 37 -20.52 -11.55 -1.88
C ARG C 37 -21.04 -12.98 -2.00
N GLY C 38 -21.86 -13.39 -1.06
CA GLY C 38 -22.48 -14.72 -1.18
C GLY C 38 -23.52 -15.00 -0.12
N CYS C 39 -23.80 -16.29 0.02
CA CYS C 39 -24.79 -16.88 0.95
C CYS C 39 -24.08 -17.03 2.29
N GLY C 40 -24.76 -16.61 3.35
CA GLY C 40 -24.40 -16.99 4.73
C GLY C 40 -23.76 -15.83 5.48
N CYS C 41 -23.12 -16.16 6.59
CA CYS C 41 -22.44 -15.19 7.47
C CYS C 41 -21.16 -15.84 7.98
N PRO C 42 -20.08 -15.82 7.16
CA PRO C 42 -18.82 -16.48 7.51
C PRO C 42 -18.02 -15.68 8.55
N LYS C 43 -17.23 -16.38 9.38
CA LYS C 43 -16.10 -15.81 10.16
C LYS C 43 -15.05 -15.29 9.18
N VAL C 44 -14.40 -14.17 9.50
CA VAL C 44 -13.28 -13.62 8.66
C VAL C 44 -12.11 -13.38 9.60
N LYS C 45 -10.93 -13.17 9.05
CA LYS C 45 -9.71 -12.88 9.87
C LYS C 45 -9.85 -11.48 10.46
N PRO C 46 -9.14 -11.16 11.57
CA PRO C 46 -9.15 -9.80 12.12
C PRO C 46 -8.65 -8.79 11.08
N GLY C 47 -9.28 -7.63 11.00
CA GLY C 47 -8.89 -6.60 10.01
C GLY C 47 -9.73 -6.71 8.76
N VAL C 48 -10.26 -7.90 8.46
CA VAL C 48 -11.09 -8.10 7.25
C VAL C 48 -12.50 -7.58 7.53
N GLY C 49 -13.12 -6.95 6.54
CA GLY C 49 -14.47 -6.38 6.62
C GLY C 49 -15.50 -7.45 6.36
N ILE C 50 -16.56 -7.49 7.16
CA ILE C 50 -17.67 -8.46 6.92
C ILE C 50 -18.97 -7.71 7.29
N HIS C 51 -19.92 -7.66 6.36
CA HIS C 51 -21.32 -7.21 6.58
C HIS C 51 -22.24 -8.40 6.27
N CYS C 52 -22.93 -8.90 7.29
CA CYS C 52 -24.02 -9.90 7.21
C CYS C 52 -25.36 -9.21 7.49
N CYS C 53 -26.37 -9.45 6.66
CA CYS C 53 -27.70 -8.81 6.76
C CYS C 53 -28.78 -9.87 6.51
N GLN C 54 -29.97 -9.64 7.07
CA GLN C 54 -31.10 -10.61 7.13
C GLN C 54 -32.07 -10.43 5.96
N SER C 55 -32.05 -9.28 5.28
CA SER C 55 -32.98 -8.95 4.16
C SER C 55 -32.68 -9.85 2.95
N ASP C 56 -33.24 -9.50 1.79
CA ASP C 56 -32.84 -10.03 0.45
C ASP C 56 -32.09 -8.92 -0.27
N LYS C 57 -31.06 -9.25 -1.05
CA LYS C 57 -30.27 -8.29 -1.89
C LYS C 57 -29.67 -7.17 -1.02
N CYS C 58 -29.51 -7.40 0.28
CA CYS C 58 -29.01 -6.40 1.25
C CYS C 58 -27.49 -6.21 1.07
N ASN C 59 -26.76 -7.28 0.75
CA ASN C 59 -25.26 -7.32 0.61
C ASN C 59 -24.82 -6.68 -0.70
N TYR C 60 -25.23 -5.46 -1.01
CA TYR C 60 -24.92 -4.79 -2.30
C TYR C 60 -23.46 -4.33 -2.31
N VAL D 2 9.72 24.06 8.54
CA VAL D 2 8.71 23.08 7.89
C VAL D 2 7.58 23.85 7.20
N GLN D 3 7.55 23.83 5.87
CA GLN D 3 6.62 24.65 5.06
C GLN D 3 6.22 23.93 3.77
N LEU D 4 5.02 24.25 3.31
CA LEU D 4 4.49 23.90 1.98
C LEU D 4 3.98 25.19 1.34
N GLN D 5 4.30 25.40 0.09
CA GLN D 5 3.79 26.57 -0.65
C GLN D 5 3.28 26.13 -2.00
N GLU D 6 1.98 26.27 -2.23
CA GLU D 6 1.34 25.94 -3.51
C GLU D 6 1.48 27.13 -4.45
N SER D 7 1.45 26.86 -5.75
CA SER D 7 1.45 27.91 -6.81
C SER D 7 0.85 27.30 -8.06
N GLY D 8 0.46 28.13 -9.03
CA GLY D 8 -0.02 27.67 -10.34
C GLY D 8 -1.48 27.95 -10.56
N GLY D 9 -2.21 28.36 -9.52
CA GLY D 9 -3.65 28.59 -9.68
C GLY D 9 -3.87 29.88 -10.44
N GLY D 10 -5.07 30.05 -11.00
CA GLY D 10 -5.58 31.36 -11.45
C GLY D 10 -6.84 31.13 -12.22
N VAL D 11 -7.23 32.11 -13.04
CA VAL D 11 -8.47 32.00 -13.85
C VAL D 11 -8.10 31.19 -15.07
N VAL D 12 -8.91 30.20 -15.40
CA VAL D 12 -8.60 29.19 -16.44
C VAL D 12 -9.89 28.88 -17.18
N ARG D 13 -9.81 28.61 -18.48
CA ARG D 13 -11.03 28.41 -19.29
C ARG D 13 -11.46 26.98 -19.10
N PRO D 14 -12.78 26.70 -19.15
CA PRO D 14 -13.26 25.34 -19.17
C PRO D 14 -12.60 24.56 -20.31
N GLY D 15 -12.51 23.23 -20.16
CA GLY D 15 -11.85 22.29 -21.11
C GLY D 15 -10.35 22.44 -21.15
N GLY D 16 -9.78 23.42 -20.44
CA GLY D 16 -8.32 23.65 -20.40
C GLY D 16 -7.61 22.74 -19.40
N SER D 17 -6.33 23.04 -19.18
CA SER D 17 -5.35 22.25 -18.40
C SER D 17 -4.55 23.19 -17.51
N LEU D 18 -4.07 22.64 -16.41
CA LEU D 18 -3.22 23.39 -15.47
C LEU D 18 -2.36 22.42 -14.69
N ARG D 19 -1.17 22.85 -14.36
CA ARG D 19 -0.26 22.16 -13.44
C ARG D 19 -0.12 23.03 -12.20
N LEU D 20 -0.55 22.48 -11.06
CA LEU D 20 -0.23 23.08 -9.74
C LEU D 20 1.07 22.49 -9.22
N SER D 21 1.77 23.27 -8.44
CA SER D 21 3.05 22.88 -7.81
C SER D 21 2.90 23.12 -6.32
N CYS D 22 3.67 22.39 -5.57
CA CYS D 22 3.79 22.58 -4.12
C CYS D 22 5.24 22.41 -3.77
N ALA D 23 5.87 23.50 -3.35
CA ALA D 23 7.26 23.52 -2.88
C ALA D 23 7.32 23.18 -1.40
N ALA D 24 8.09 22.17 -1.03
CA ALA D 24 8.25 21.72 0.35
C ALA D 24 9.63 22.09 0.88
N SER D 25 9.74 22.39 2.17
CA SER D 25 11.04 22.64 2.84
C SER D 25 10.97 22.28 4.32
N GLY D 26 12.13 22.07 4.92
CA GLY D 26 12.29 21.85 6.36
C GLY D 26 12.03 20.42 6.78
N PHE D 27 11.94 19.47 5.84
CA PHE D 27 11.77 18.04 6.21
C PHE D 27 12.28 17.13 5.08
N THR D 28 12.49 15.86 5.40
CA THR D 28 12.92 14.85 4.42
C THR D 28 11.71 14.49 3.56
N PHE D 29 11.60 15.15 2.43
CA PHE D 29 10.40 15.15 1.56
C PHE D 29 9.99 13.72 1.22
N SER D 30 10.95 12.88 0.88
CA SER D 30 10.68 11.60 0.20
C SER D 30 10.29 10.57 1.26
N SER D 31 10.36 10.92 2.55
CA SER D 31 9.90 10.04 3.66
C SER D 31 8.37 10.10 3.87
N TYR D 32 7.67 11.01 3.18
CA TYR D 32 6.25 11.30 3.48
C TYR D 32 5.41 11.14 2.24
N ALA D 33 4.23 10.56 2.44
CA ALA D 33 3.16 10.65 1.45
C ALA D 33 2.63 12.09 1.50
N MET D 34 2.12 12.56 0.37
CA MET D 34 1.62 13.95 0.20
C MET D 34 0.27 13.82 -0.46
N SER D 35 -0.65 14.75 -0.13
CA SER D 35 -2.01 14.78 -0.68
C SER D 35 -2.31 16.18 -1.24
N TRP D 36 -3.18 16.22 -2.24
CA TRP D 36 -3.94 17.40 -2.71
C TRP D 36 -5.37 17.26 -2.20
N VAL D 37 -5.84 18.33 -1.54
CA VAL D 37 -7.20 18.45 -0.98
C VAL D 37 -7.75 19.80 -1.47
N ARG D 38 -8.93 19.80 -2.04
CA ARG D 38 -9.52 21.06 -2.53
C ARG D 38 -10.75 21.46 -1.72
N GLN D 39 -11.12 22.73 -1.85
CA GLN D 39 -12.26 23.29 -1.10
C GLN D 39 -12.95 24.32 -1.99
N ALA D 40 -14.09 23.95 -2.52
CA ALA D 40 -14.96 24.87 -3.29
C ALA D 40 -15.35 26.02 -2.35
N PRO D 41 -15.53 27.25 -2.86
CA PRO D 41 -15.73 28.40 -1.97
C PRO D 41 -17.01 28.23 -1.13
N GLY D 42 -16.85 28.36 0.18
CA GLY D 42 -17.91 28.09 1.20
C GLY D 42 -18.27 26.62 1.39
N LYS D 43 -17.47 25.66 0.91
CA LYS D 43 -17.91 24.26 0.95
C LYS D 43 -16.87 23.48 1.74
N GLY D 44 -17.01 22.18 1.77
CA GLY D 44 -16.19 21.34 2.67
C GLY D 44 -14.86 20.94 2.03
N LEU D 45 -14.04 20.23 2.78
CA LEU D 45 -12.79 19.63 2.24
C LEU D 45 -13.12 18.44 1.35
N GLU D 46 -12.45 18.34 0.20
CA GLU D 46 -12.60 17.16 -0.69
C GLU D 46 -11.22 16.64 -1.07
N TRP D 47 -10.81 15.50 -0.54
CA TRP D 47 -9.55 14.85 -0.98
C TRP D 47 -9.59 14.59 -2.49
N VAL D 48 -8.47 14.85 -3.16
CA VAL D 48 -8.32 14.65 -4.63
C VAL D 48 -7.33 13.52 -4.90
N SER D 49 -6.12 13.55 -4.35
CA SER D 49 -5.12 12.53 -4.74
C SER D 49 -4.03 12.44 -3.70
N ALA D 50 -3.36 11.30 -3.64
CA ALA D 50 -2.17 11.13 -2.78
C ALA D 50 -1.10 10.36 -3.51
N ILE D 51 0.12 10.51 -3.06
CA ILE D 51 1.31 9.86 -3.66
C ILE D 51 2.18 9.37 -2.53
N SER D 52 2.71 8.15 -2.66
CA SER D 52 3.65 7.56 -1.69
C SER D 52 4.97 8.36 -1.72
N GLY D 53 5.80 8.21 -0.70
CA GLY D 53 7.07 8.90 -0.56
C GLY D 53 7.97 8.71 -1.76
N SER D 54 8.08 7.50 -2.30
CA SER D 54 8.95 7.22 -3.49
C SER D 54 8.27 7.66 -4.78
N GLY D 55 6.95 7.85 -4.80
CA GLY D 55 6.19 8.03 -6.06
C GLY D 55 5.71 6.70 -6.66
N GLY D 56 5.98 5.60 -5.98
CA GLY D 56 5.72 4.24 -6.50
C GLY D 56 4.25 3.90 -6.49
N SER D 57 3.44 4.66 -5.74
CA SER D 57 1.98 4.42 -5.69
C SER D 57 1.28 5.77 -5.72
N THR D 58 0.17 5.83 -6.43
CA THR D 58 -0.70 7.04 -6.55
C THR D 58 -2.14 6.61 -6.35
N TYR D 59 -2.93 7.50 -5.73
CA TYR D 59 -4.31 7.24 -5.33
C TYR D 59 -5.14 8.44 -5.76
N TYR D 60 -6.36 8.19 -6.20
CA TYR D 60 -7.26 9.27 -6.69
C TYR D 60 -8.64 9.10 -6.14
N ALA D 61 -9.35 10.22 -5.92
CA ALA D 61 -10.80 10.20 -5.71
C ALA D 61 -11.49 9.79 -7.02
N ASP D 62 -12.60 9.05 -6.94
CA ASP D 62 -13.51 8.72 -8.08
C ASP D 62 -13.84 9.98 -8.90
N SER D 63 -14.16 11.09 -8.24
CA SER D 63 -14.59 12.35 -8.91
C SER D 63 -13.54 12.86 -9.90
N VAL D 64 -12.27 12.43 -9.81
CA VAL D 64 -11.16 13.02 -10.63
C VAL D 64 -10.33 11.95 -11.37
N LYS D 65 -10.60 10.67 -11.11
CA LYS D 65 -9.93 9.51 -11.76
C LYS D 65 -9.96 9.74 -13.28
N GLY D 66 -8.78 9.75 -13.91
CA GLY D 66 -8.64 9.86 -15.36
C GLY D 66 -8.31 11.28 -15.80
N ARG D 67 -8.69 12.30 -15.03
CA ARG D 67 -8.54 13.72 -15.42
C ARG D 67 -7.33 14.31 -14.71
N PHE D 68 -7.04 13.85 -13.48
CA PHE D 68 -5.94 14.43 -12.67
C PHE D 68 -4.80 13.43 -12.61
N THR D 69 -3.58 13.94 -12.57
CA THR D 69 -2.35 13.16 -12.33
C THR D 69 -1.52 13.84 -11.26
N ILE D 70 -1.22 13.11 -10.17
CA ILE D 70 -0.28 13.58 -9.13
C ILE D 70 1.10 13.03 -9.47
N SER D 71 2.14 13.80 -9.16
CA SER D 71 3.54 13.38 -9.35
C SER D 71 4.42 14.16 -8.37
N ARG D 72 5.66 13.73 -8.20
CA ARG D 72 6.62 14.45 -7.35
C ARG D 72 8.01 14.35 -7.95
N ASP D 73 8.87 15.28 -7.57
CA ASP D 73 10.27 15.36 -8.02
C ASP D 73 11.13 15.52 -6.78
N SER D 74 11.81 14.46 -6.37
CA SER D 74 12.59 14.44 -5.10
C SER D 74 13.74 15.45 -5.17
N SER D 75 14.31 15.70 -6.36
CA SER D 75 15.51 16.57 -6.47
C SER D 75 15.08 18.03 -6.27
N LYS D 76 13.81 18.37 -6.53
CA LYS D 76 13.30 19.75 -6.36
C LYS D 76 12.41 19.87 -5.12
N ASN D 77 12.19 18.79 -4.37
CA ASN D 77 11.34 18.83 -3.15
C ASN D 77 9.99 19.46 -3.51
N THR D 78 9.46 19.07 -4.67
CA THR D 78 8.23 19.62 -5.27
C THR D 78 7.21 18.50 -5.57
N LEU D 79 5.95 18.79 -5.22
CA LEU D 79 4.75 17.98 -5.57
C LEU D 79 4.00 18.68 -6.71
N TYR D 80 3.36 17.92 -7.59
CA TYR D 80 2.59 18.48 -8.72
C TYR D 80 1.23 17.84 -8.80
N LEU D 81 0.32 18.59 -9.42
CA LEU D 81 -1.01 18.09 -9.77
C LEU D 81 -1.33 18.62 -11.15
N GLN D 82 -1.49 17.70 -12.10
CA GLN D 82 -1.84 18.03 -13.50
C GLN D 82 -3.34 17.90 -13.57
N ILE D 83 -4.06 18.99 -13.86
CA ILE D 83 -5.55 18.94 -13.95
C ILE D 83 -5.89 19.06 -15.42
N ASN D 84 -6.67 18.14 -15.97
CA ASN D 84 -7.02 18.18 -17.41
C ASN D 84 -8.53 18.32 -17.55
N SER D 85 -8.94 18.86 -18.69
CA SER D 85 -10.37 18.97 -19.06
C SER D 85 -11.11 19.70 -17.93
N LEU D 86 -10.57 20.84 -17.51
CA LEU D 86 -11.12 21.65 -16.37
C LEU D 86 -12.63 21.88 -16.59
N ARG D 87 -13.42 21.81 -15.53
CA ARG D 87 -14.87 22.10 -15.58
C ARG D 87 -15.24 22.93 -14.35
N ALA D 88 -16.49 23.38 -14.32
CA ALA D 88 -17.02 24.32 -13.31
C ALA D 88 -16.75 23.74 -11.92
N GLU D 89 -17.08 22.47 -11.72
CA GLU D 89 -16.97 21.78 -10.40
C GLU D 89 -15.51 21.77 -9.91
N ASP D 90 -14.51 22.08 -10.75
CA ASP D 90 -13.08 22.10 -10.35
C ASP D 90 -12.66 23.43 -9.75
N THR D 91 -13.50 24.47 -9.79
CA THR D 91 -13.21 25.75 -9.11
C THR D 91 -13.07 25.50 -7.60
N ALA D 92 -11.98 25.92 -7.00
CA ALA D 92 -11.65 25.60 -5.59
C ALA D 92 -10.29 26.15 -5.23
N LEU D 93 -10.02 26.22 -3.94
CA LEU D 93 -8.70 26.40 -3.36
C LEU D 93 -8.11 24.98 -3.26
N TYR D 94 -6.95 24.78 -3.86
CA TYR D 94 -6.19 23.50 -3.88
C TYR D 94 -5.06 23.62 -2.86
N TYR D 95 -5.19 22.81 -1.80
CA TYR D 95 -4.14 22.66 -0.77
C TYR D 95 -3.25 21.45 -1.10
N CYS D 96 -1.96 21.57 -0.84
CA CYS D 96 -1.08 20.40 -0.60
C CYS D 96 -0.90 20.22 0.91
N ALA D 97 -0.88 18.97 1.33
CA ALA D 97 -0.75 18.55 2.74
C ALA D 97 0.29 17.44 2.88
N ARG D 98 1.12 17.54 3.88
CA ARG D 98 2.02 16.43 4.23
C ARG D 98 1.21 15.46 5.09
N GLU D 99 1.30 14.16 4.80
CA GLU D 99 0.56 13.16 5.61
C GLU D 99 1.44 12.60 6.71
N GLY D 100 0.83 12.04 7.75
CA GLY D 100 1.49 11.23 8.77
C GLY D 100 0.75 9.93 8.97
N ASP D 101 0.76 9.46 10.20
CA ASP D 101 0.13 8.16 10.54
C ASP D 101 -1.33 8.17 10.18
N TYR D 102 -1.75 7.12 9.47
CA TYR D 102 -3.17 6.88 9.16
C TYR D 102 -3.68 8.00 8.23
N ASP D 103 -2.80 8.54 7.40
CA ASP D 103 -3.10 9.58 6.37
C ASP D 103 -3.63 10.87 7.06
N SER D 104 -3.35 11.05 8.33
CA SER D 104 -3.57 12.35 9.02
C SER D 104 -2.73 13.42 8.30
N MET D 105 -3.25 14.62 8.18
CA MET D 105 -2.53 15.68 7.42
C MET D 105 -2.08 16.77 8.38
N ASP D 106 -0.79 16.70 8.74
CA ASP D 106 -0.23 17.45 9.88
C ASP D 106 0.32 18.79 9.40
N VAL D 107 0.62 18.96 8.12
CA VAL D 107 1.13 20.25 7.59
C VAL D 107 0.35 20.57 6.32
N TRP D 108 -0.15 21.79 6.23
CA TRP D 108 -0.88 22.26 5.03
C TRP D 108 -0.23 23.52 4.51
N GLY D 109 -0.35 23.74 3.20
CA GLY D 109 0.01 25.02 2.61
C GLY D 109 -1.11 26.01 2.82
N GLN D 110 -1.04 27.17 2.16
CA GLN D 110 -2.10 28.21 2.25
C GLN D 110 -3.04 28.03 1.08
N GLY D 111 -2.69 27.19 0.10
CA GLY D 111 -3.59 26.87 -1.02
C GLY D 111 -3.35 27.78 -2.22
N THR D 112 -3.74 27.30 -3.39
CA THR D 112 -3.68 28.04 -4.67
C THR D 112 -5.07 27.98 -5.25
N LEU D 113 -5.65 29.13 -5.59
CA LEU D 113 -7.05 29.19 -6.03
C LEU D 113 -7.12 28.95 -7.53
N VAL D 114 -8.09 28.13 -7.93
CA VAL D 114 -8.38 27.82 -9.35
C VAL D 114 -9.80 28.26 -9.57
N THR D 115 -10.00 29.22 -10.47
CA THR D 115 -11.33 29.70 -10.90
C THR D 115 -11.54 29.30 -12.37
N VAL D 116 -12.50 28.45 -12.65
CA VAL D 116 -12.78 27.98 -14.02
C VAL D 116 -13.82 28.90 -14.64
N SER D 117 -13.38 29.85 -15.46
CA SER D 117 -14.29 30.77 -16.17
C SER D 117 -13.73 31.08 -17.57
N SER D 118 -14.61 31.12 -18.57
CA SER D 118 -14.32 31.64 -19.93
C SER D 118 -14.61 33.16 -20.03
N ALA D 119 -14.97 33.83 -18.94
CA ALA D 119 -15.54 35.19 -19.01
C ALA D 119 -14.42 36.21 -19.15
N SER D 120 -14.71 37.36 -19.76
CA SER D 120 -13.87 38.56 -19.72
C SER D 120 -14.67 39.67 -19.02
N THR D 121 -14.01 40.79 -18.74
CA THR D 121 -14.61 41.95 -18.04
C THR D 121 -15.98 42.23 -18.65
N LYS D 122 -17.00 42.31 -17.78
CA LYS D 122 -18.42 42.52 -18.17
C LYS D 122 -19.12 43.19 -16.99
N GLY D 123 -19.77 44.32 -17.26
CA GLY D 123 -20.57 45.07 -16.28
C GLY D 123 -21.85 44.30 -15.96
N PRO D 124 -22.46 44.59 -14.79
CA PRO D 124 -23.65 43.87 -14.34
C PRO D 124 -24.96 44.31 -15.01
N SER D 125 -25.94 43.42 -15.03
CA SER D 125 -27.38 43.71 -15.20
C SER D 125 -27.97 43.86 -13.81
N VAL D 126 -28.76 44.88 -13.58
CA VAL D 126 -29.31 45.16 -12.24
C VAL D 126 -30.83 45.08 -12.35
N PHE D 127 -31.39 44.11 -11.62
CA PHE D 127 -32.84 43.80 -11.61
C PHE D 127 -33.37 44.15 -10.23
N PRO D 128 -34.60 44.67 -10.17
CA PRO D 128 -35.18 45.07 -8.89
C PRO D 128 -35.78 43.81 -8.24
N LEU D 129 -35.66 43.72 -6.91
CA LEU D 129 -36.39 42.73 -6.07
C LEU D 129 -37.52 43.48 -5.37
N ALA D 130 -38.63 43.58 -6.06
CA ALA D 130 -39.66 44.59 -5.76
C ALA D 130 -40.41 44.10 -4.52
N PRO D 131 -40.71 45.02 -3.59
CA PRO D 131 -41.56 44.69 -2.44
C PRO D 131 -43.03 44.52 -2.88
N SER D 132 -43.73 43.63 -2.16
CA SER D 132 -45.20 43.44 -2.18
C SER D 132 -45.64 43.05 -0.77
N SER D 133 -46.92 42.70 -0.58
CA SER D 133 -47.45 42.11 0.68
C SER D 133 -46.93 40.66 0.84
N LYS D 134 -46.30 40.10 -0.22
CA LYS D 134 -45.61 38.77 -0.22
C LYS D 134 -44.16 38.92 0.29
N SER D 135 -43.64 40.15 0.35
CA SER D 135 -42.31 40.50 0.94
C SER D 135 -42.51 41.37 2.20
N THR D 136 -43.77 41.49 2.69
CA THR D 136 -44.17 42.30 3.89
C THR D 136 -44.67 41.36 5.00
N SER D 137 -44.05 41.49 6.18
CA SER D 137 -44.38 40.80 7.45
C SER D 137 -44.44 41.86 8.56
N GLY D 138 -45.57 41.97 9.27
CA GLY D 138 -45.79 42.94 10.36
C GLY D 138 -45.33 44.36 10.05
N GLY D 139 -45.74 44.96 8.92
CA GLY D 139 -45.56 46.42 8.69
C GLY D 139 -44.15 46.82 8.25
N THR D 140 -43.26 45.87 7.98
CA THR D 140 -41.92 46.10 7.35
C THR D 140 -41.87 45.31 6.02
N ALA D 141 -41.30 45.93 4.99
CA ALA D 141 -41.19 45.35 3.63
C ALA D 141 -39.71 45.19 3.28
N ALA D 142 -39.35 44.04 2.71
CA ALA D 142 -37.99 43.77 2.17
C ALA D 142 -38.00 44.11 0.68
N LEU D 143 -37.00 44.86 0.24
CA LEU D 143 -36.83 45.11 -1.23
C LEU D 143 -35.34 45.06 -1.54
N GLY D 144 -34.99 44.88 -2.80
CA GLY D 144 -33.55 44.78 -3.07
C GLY D 144 -33.23 44.93 -4.54
N CYS D 145 -31.97 44.63 -4.86
CA CYS D 145 -31.40 44.61 -6.22
C CYS D 145 -30.61 43.33 -6.40
N LEU D 146 -30.89 42.64 -7.48
CA LEU D 146 -30.15 41.49 -7.98
C LEU D 146 -29.15 42.02 -9.01
N VAL D 147 -27.88 41.90 -8.67
CA VAL D 147 -26.76 42.39 -9.51
C VAL D 147 -26.17 41.20 -10.22
N LYS D 148 -26.52 41.01 -11.49
CA LYS D 148 -26.20 39.71 -12.11
C LYS D 148 -25.21 39.85 -13.29
N ASP D 149 -24.36 38.83 -13.42
CA ASP D 149 -23.57 38.51 -14.64
C ASP D 149 -22.45 39.52 -14.85
N TYR D 150 -21.62 39.73 -13.84
CA TYR D 150 -20.47 40.64 -13.94
C TYR D 150 -19.18 39.84 -13.74
N PHE D 151 -18.07 40.45 -14.14
CA PHE D 151 -16.72 39.83 -14.04
C PHE D 151 -15.69 40.89 -14.32
N PRO D 152 -14.57 40.93 -13.56
CA PRO D 152 -14.41 40.12 -12.34
C PRO D 152 -15.12 40.73 -11.12
N GLU D 153 -14.84 40.23 -9.89
CA GLU D 153 -15.16 40.97 -8.64
C GLU D 153 -14.29 42.22 -8.51
N PRO D 154 -14.69 43.26 -7.73
CA PRO D 154 -15.95 43.25 -7.00
C PRO D 154 -16.99 44.25 -7.54
N VAL D 155 -18.18 44.20 -6.94
CA VAL D 155 -19.26 45.20 -7.04
C VAL D 155 -19.49 45.76 -5.64
N THR D 156 -19.74 47.06 -5.52
CA THR D 156 -20.24 47.64 -4.25
C THR D 156 -21.62 48.22 -4.50
N VAL D 157 -22.45 48.24 -3.47
CA VAL D 157 -23.86 48.72 -3.56
C VAL D 157 -24.09 49.72 -2.42
N SER D 158 -24.77 50.81 -2.73
CA SER D 158 -25.33 51.71 -1.70
C SER D 158 -26.79 51.89 -2.03
N TRP D 159 -27.53 52.49 -1.12
CA TRP D 159 -28.94 52.85 -1.34
C TRP D 159 -29.13 54.35 -1.18
N ASN D 160 -29.91 54.93 -2.10
CA ASN D 160 -30.24 56.38 -2.09
C ASN D 160 -28.96 57.18 -1.85
N SER D 161 -27.89 56.78 -2.53
CA SER D 161 -26.57 57.46 -2.58
C SER D 161 -25.97 57.59 -1.17
N GLY D 162 -26.18 56.59 -0.31
CA GLY D 162 -25.54 56.49 1.02
C GLY D 162 -26.42 57.03 2.13
N ALA D 163 -27.55 57.66 1.79
CA ALA D 163 -28.50 58.27 2.73
C ALA D 163 -29.36 57.18 3.38
N LEU D 164 -29.42 55.96 2.82
CA LEU D 164 -30.15 54.83 3.47
C LEU D 164 -29.14 53.74 3.85
N THR D 165 -28.86 53.58 5.14
CA THR D 165 -27.89 52.57 5.67
C THR D 165 -28.61 51.60 6.61
N SER D 166 -29.63 52.07 7.31
CA SER D 166 -30.34 51.25 8.32
C SER D 166 -31.08 50.10 7.61
N GLY D 167 -30.82 48.86 8.02
CA GLY D 167 -31.51 47.66 7.51
C GLY D 167 -30.95 47.16 6.18
N VAL D 168 -29.83 47.73 5.75
CA VAL D 168 -29.20 47.41 4.44
C VAL D 168 -28.23 46.28 4.70
N HIS D 169 -28.28 45.28 3.85
CA HIS D 169 -27.24 44.24 3.78
C HIS D 169 -26.93 43.94 2.32
N THR D 170 -25.65 43.96 1.95
CA THR D 170 -25.16 43.48 0.64
C THR D 170 -24.43 42.18 0.86
N PHE D 171 -24.85 41.16 0.12
CA PHE D 171 -24.39 39.76 0.24
C PHE D 171 -23.07 39.59 -0.52
N PRO D 172 -22.31 38.54 -0.15
CA PRO D 172 -21.21 38.06 -0.97
C PRO D 172 -21.74 37.57 -2.31
N ALA D 173 -20.84 37.49 -3.29
CA ALA D 173 -21.14 37.05 -4.66
C ALA D 173 -21.20 35.54 -4.73
N VAL D 174 -21.96 35.04 -5.69
CA VAL D 174 -21.95 33.62 -6.14
C VAL D 174 -21.32 33.58 -7.56
N LEU D 175 -20.49 32.58 -7.86
CA LEU D 175 -20.04 32.31 -9.24
C LEU D 175 -20.95 31.27 -9.84
N GLN D 176 -21.75 31.63 -10.84
CA GLN D 176 -22.71 30.71 -11.49
C GLN D 176 -21.96 29.84 -12.52
N SER D 177 -22.62 28.82 -13.08
CA SER D 177 -22.01 27.85 -14.02
C SER D 177 -21.55 28.58 -15.28
N SER D 178 -22.23 29.69 -15.60
CA SER D 178 -21.92 30.64 -16.71
C SER D 178 -20.48 31.20 -16.62
N GLY D 179 -19.83 31.15 -15.44
CA GLY D 179 -18.51 31.75 -15.22
C GLY D 179 -18.59 33.22 -14.81
N LEU D 180 -19.82 33.71 -14.56
CA LEU D 180 -20.07 35.10 -14.12
C LEU D 180 -20.59 35.17 -12.67
N TYR D 181 -20.27 36.26 -11.97
CA TYR D 181 -20.71 36.52 -10.58
C TYR D 181 -22.11 37.17 -10.55
N SER D 182 -22.83 36.91 -9.46
CA SER D 182 -24.07 37.63 -9.04
C SER D 182 -24.05 37.87 -7.53
N LEU D 183 -24.64 38.97 -7.11
CA LEU D 183 -24.95 39.17 -5.69
C LEU D 183 -26.27 39.93 -5.60
N SER D 184 -26.74 40.10 -4.37
CA SER D 184 -27.97 40.85 -4.05
C SER D 184 -27.66 41.81 -2.92
N SER D 185 -28.42 42.88 -2.85
CA SER D 185 -28.43 43.85 -1.77
C SER D 185 -29.88 43.99 -1.36
N VAL D 186 -30.17 44.00 -0.06
CA VAL D 186 -31.57 44.03 0.43
C VAL D 186 -31.67 45.16 1.45
N VAL D 187 -32.81 45.81 1.54
CA VAL D 187 -33.03 46.72 2.68
C VAL D 187 -34.44 46.44 3.21
N THR D 188 -34.61 46.62 4.51
CA THR D 188 -35.93 46.49 5.17
C THR D 188 -36.43 47.89 5.50
N VAL D 189 -37.64 48.19 5.08
CA VAL D 189 -38.23 49.55 5.25
C VAL D 189 -39.66 49.42 5.79
N PRO D 190 -40.18 50.49 6.43
CA PRO D 190 -41.61 50.55 6.77
C PRO D 190 -42.48 50.38 5.52
N SER D 191 -43.45 49.46 5.58
CA SER D 191 -44.45 49.22 4.51
C SER D 191 -45.21 50.52 4.18
N SER D 192 -45.35 51.43 5.15
CA SER D 192 -46.10 52.70 4.95
C SER D 192 -45.31 53.65 4.04
N SER D 193 -43.98 53.50 3.97
CA SER D 193 -43.03 54.32 3.15
C SER D 193 -43.22 54.07 1.65
N LEU D 194 -43.72 52.90 1.26
CA LEU D 194 -43.60 52.40 -0.13
C LEU D 194 -44.27 53.34 -1.12
N GLY D 195 -45.30 54.07 -0.71
CA GLY D 195 -45.99 55.04 -1.59
C GLY D 195 -45.17 56.30 -1.77
N THR D 196 -44.45 56.74 -0.74
CA THR D 196 -43.88 58.11 -0.62
C THR D 196 -42.38 58.12 -0.91
N GLN D 197 -41.66 57.16 -0.35
CA GLN D 197 -40.18 57.16 -0.30
C GLN D 197 -39.65 56.42 -1.53
N THR D 198 -38.78 57.07 -2.31
CA THR D 198 -38.10 56.49 -3.50
C THR D 198 -36.95 55.62 -3.01
N TYR D 199 -36.78 54.43 -3.55
CA TYR D 199 -35.63 53.56 -3.19
C TYR D 199 -34.80 53.26 -4.45
N ILE D 200 -33.54 53.65 -4.42
CA ILE D 200 -32.60 53.49 -5.57
C ILE D 200 -31.38 52.73 -5.08
N CYS D 201 -31.05 51.63 -5.71
CA CYS D 201 -29.75 50.99 -5.41
C CYS D 201 -28.72 51.51 -6.41
N ASN D 202 -27.57 51.84 -5.86
CA ASN D 202 -26.38 52.42 -6.51
C ASN D 202 -25.35 51.31 -6.62
N VAL D 203 -25.17 50.78 -7.82
CA VAL D 203 -24.23 49.67 -8.08
C VAL D 203 -22.96 50.23 -8.75
N ASN D 204 -21.80 49.82 -8.27
CA ASN D 204 -20.50 50.28 -8.81
C ASN D 204 -19.69 49.04 -9.17
N HIS D 205 -19.35 48.89 -10.45
CA HIS D 205 -18.41 47.86 -10.95
C HIS D 205 -17.20 48.57 -11.57
N LYS D 206 -16.26 48.98 -10.73
CA LYS D 206 -14.99 49.67 -11.06
C LYS D 206 -14.26 48.96 -12.20
N PRO D 207 -14.08 47.64 -12.19
CA PRO D 207 -13.37 46.99 -13.28
C PRO D 207 -13.90 47.31 -14.69
N SER D 208 -15.20 47.59 -14.89
CA SER D 208 -15.79 47.87 -16.23
C SER D 208 -16.13 49.36 -16.36
N ASN D 209 -15.78 50.17 -15.37
CA ASN D 209 -16.09 51.62 -15.31
C ASN D 209 -17.60 51.81 -15.45
N THR D 210 -18.37 50.93 -14.83
CA THR D 210 -19.85 50.94 -14.93
C THR D 210 -20.42 51.27 -13.54
N LYS D 211 -21.31 52.25 -13.49
CA LYS D 211 -22.23 52.50 -12.36
C LYS D 211 -23.64 52.31 -12.88
N VAL D 212 -24.50 51.67 -12.09
CA VAL D 212 -25.93 51.53 -12.43
C VAL D 212 -26.73 51.94 -11.20
N ASP D 213 -27.67 52.84 -11.40
CA ASP D 213 -28.71 53.22 -10.43
C ASP D 213 -30.02 52.56 -10.87
N LYS D 214 -30.63 51.76 -10.00
CA LYS D 214 -31.93 51.11 -10.32
C LYS D 214 -32.97 51.58 -9.30
N LYS D 215 -34.07 52.14 -9.79
CA LYS D 215 -35.23 52.47 -8.93
C LYS D 215 -36.02 51.19 -8.72
N VAL D 216 -36.27 50.86 -7.46
CA VAL D 216 -37.00 49.65 -7.04
C VAL D 216 -38.36 50.13 -6.56
N GLU D 217 -39.39 49.81 -7.32
CA GLU D 217 -40.76 50.29 -7.11
C GLU D 217 -41.62 49.11 -6.65
N PRO D 218 -42.65 49.39 -5.82
CA PRO D 218 -43.63 48.37 -5.45
C PRO D 218 -44.21 47.58 -6.63
N LYS D 219 -44.45 46.29 -6.43
CA LYS D 219 -45.18 45.45 -7.41
C LYS D 219 -46.49 46.18 -7.79
N SER D 220 -46.60 46.62 -9.04
CA SER D 220 -47.73 47.43 -9.58
C SER D 220 -48.92 46.49 -9.89
N CYS D 221 -49.45 45.88 -8.83
CA CYS D 221 -50.49 44.81 -8.82
C CYS D 221 -50.63 44.24 -7.41
N SER E 3 -17.97 4.59 2.56
CA SER E 3 -19.00 4.80 3.62
C SER E 3 -19.08 6.30 3.92
N VAL E 4 -20.29 6.88 3.82
CA VAL E 4 -20.58 8.32 4.07
C VAL E 4 -20.51 8.60 5.57
N VAL E 5 -19.83 9.69 5.97
CA VAL E 5 -19.82 10.09 7.40
C VAL E 5 -20.61 11.40 7.52
N THR E 6 -21.31 11.60 8.60
CA THR E 6 -22.25 12.71 8.75
C THR E 6 -21.82 13.52 9.97
N GLN E 7 -21.75 14.84 9.81
CA GLN E 7 -21.50 15.77 10.92
C GLN E 7 -22.70 16.71 10.96
N PRO E 8 -23.10 17.18 12.14
CA PRO E 8 -24.11 18.23 12.25
C PRO E 8 -23.57 19.52 11.64
N PRO E 9 -24.34 20.26 10.83
CA PRO E 9 -23.84 21.50 10.26
C PRO E 9 -23.42 22.52 11.33
N SER E 10 -24.08 22.52 12.48
CA SER E 10 -23.95 23.58 13.51
C SER E 10 -23.97 23.00 14.93
N VAL E 11 -23.01 23.42 15.75
CA VAL E 11 -22.93 23.19 17.21
C VAL E 11 -22.64 24.54 17.86
N SER E 12 -23.37 24.88 18.90
CA SER E 12 -23.12 26.19 19.56
C SER E 12 -23.15 26.00 21.07
N VAL E 13 -22.27 26.70 21.79
CA VAL E 13 -22.20 26.65 23.28
C VAL E 13 -21.77 28.02 23.77
N ALA E 14 -22.14 28.33 24.99
CA ALA E 14 -21.73 29.55 25.68
C ALA E 14 -20.23 29.43 25.95
N PRO E 15 -19.50 30.57 26.03
CA PRO E 15 -18.11 30.53 26.47
C PRO E 15 -17.94 29.85 27.84
N GLY E 16 -16.90 29.01 27.99
CA GLY E 16 -16.62 28.27 29.24
C GLY E 16 -17.28 26.89 29.26
N LYS E 17 -18.27 26.62 28.42
CA LYS E 17 -18.96 25.32 28.38
C LYS E 17 -18.18 24.35 27.48
N THR E 18 -18.69 23.13 27.37
CA THR E 18 -18.06 22.03 26.61
C THR E 18 -18.84 21.82 25.33
N ALA E 19 -18.16 21.82 24.20
CA ALA E 19 -18.79 21.57 22.89
C ALA E 19 -18.44 20.13 22.49
N ARG E 20 -19.40 19.44 21.93
CA ARG E 20 -19.22 18.09 21.37
C ARG E 20 -19.62 18.12 19.90
N ILE E 21 -18.67 17.79 19.03
CA ILE E 21 -18.89 17.73 17.57
C ILE E 21 -18.83 16.27 17.18
N THR E 22 -19.91 15.75 16.58
CA THR E 22 -19.98 14.31 16.23
C THR E 22 -19.68 14.07 14.76
N CYS E 23 -19.19 12.88 14.51
CA CYS E 23 -18.84 12.33 13.18
C CYS E 23 -19.47 10.93 13.14
N GLY E 24 -20.59 10.76 12.45
CA GLY E 24 -21.37 9.50 12.44
C GLY E 24 -21.08 8.66 11.21
N GLY E 25 -20.96 7.35 11.40
CA GLY E 25 -20.65 6.42 10.30
C GLY E 25 -20.79 5.00 10.75
N ASN E 26 -21.34 4.17 9.88
CA ASN E 26 -21.54 2.73 10.20
C ASN E 26 -20.19 2.11 10.60
N ASN E 27 -20.07 1.67 11.83
CA ASN E 27 -18.85 1.04 12.41
C ASN E 27 -17.63 1.97 12.29
N ILE E 28 -17.83 3.27 12.40
CA ILE E 28 -16.69 4.21 12.43
C ILE E 28 -15.82 3.89 13.65
N GLY E 29 -16.39 3.33 14.71
CA GLY E 29 -15.67 2.94 15.94
C GLY E 29 -14.54 1.93 15.72
N SER E 30 -14.53 1.22 14.60
CA SER E 30 -13.49 0.21 14.28
C SER E 30 -12.39 0.85 13.43
N LYS E 31 -12.51 2.16 13.15
CA LYS E 31 -11.61 2.90 12.23
C LYS E 31 -10.86 3.97 13.01
N SER E 32 -10.04 4.78 12.34
CA SER E 32 -9.19 5.82 12.95
C SER E 32 -9.74 7.17 12.49
N VAL E 33 -10.02 8.09 13.43
CA VAL E 33 -10.64 9.40 13.11
C VAL E 33 -9.68 10.53 13.51
N HIS E 34 -9.47 11.46 12.59
CA HIS E 34 -8.72 12.72 12.78
C HIS E 34 -9.71 13.88 12.71
N TRP E 35 -9.31 15.00 13.29
CA TRP E 35 -10.14 16.23 13.40
C TRP E 35 -9.28 17.43 13.01
N TYR E 36 -9.85 18.30 12.19
CA TYR E 36 -9.25 19.55 11.71
C TYR E 36 -10.08 20.72 12.22
N GLN E 37 -9.37 21.76 12.63
CA GLN E 37 -9.97 23.11 12.89
C GLN E 37 -9.60 24.03 11.73
N GLN E 38 -10.59 24.65 11.13
CA GLN E 38 -10.35 25.61 10.05
C GLN E 38 -11.06 26.94 10.39
N LYS E 39 -10.25 27.91 10.70
CA LYS E 39 -10.78 29.27 10.99
C LYS E 39 -10.98 30.02 9.70
N PRO E 40 -11.87 31.04 9.74
CA PRO E 40 -12.20 31.81 8.55
C PRO E 40 -10.90 32.34 7.91
N GLY E 41 -10.71 32.09 6.62
CA GLY E 41 -9.55 32.52 5.82
C GLY E 41 -8.26 31.82 6.15
N GLN E 42 -8.27 30.70 6.87
CA GLN E 42 -7.03 30.03 7.32
C GLN E 42 -7.01 28.62 6.70
N ALA E 43 -5.84 28.02 6.63
CA ALA E 43 -5.68 26.59 6.30
C ALA E 43 -6.14 25.71 7.49
N PRO E 44 -6.61 24.48 7.21
CA PRO E 44 -6.88 23.54 8.29
C PRO E 44 -5.67 23.32 9.18
N VAL E 45 -5.97 23.01 10.43
CA VAL E 45 -5.00 22.62 11.47
C VAL E 45 -5.42 21.28 12.06
N LEU E 46 -4.52 20.29 12.08
CA LEU E 46 -4.83 19.00 12.74
C LEU E 46 -4.89 19.21 14.27
N VAL E 47 -6.01 18.89 14.91
CA VAL E 47 -6.16 19.08 16.37
C VAL E 47 -6.26 17.73 17.08
N VAL E 48 -6.73 16.66 16.43
CA VAL E 48 -6.72 15.32 17.05
C VAL E 48 -6.44 14.32 15.92
N PHE E 49 -5.64 13.30 16.18
CA PHE E 49 -5.49 12.21 15.18
C PHE E 49 -5.57 10.86 15.90
N ASP E 50 -5.93 9.86 15.11
CA ASP E 50 -6.06 8.47 15.59
C ASP E 50 -6.96 8.50 16.81
N ASP E 51 -8.14 9.05 16.63
CA ASP E 51 -9.28 9.09 17.59
C ASP E 51 -9.03 10.06 18.75
N SER E 52 -7.84 10.08 19.34
CA SER E 52 -7.68 10.71 20.69
C SER E 52 -6.31 11.35 20.89
N ALA E 53 -5.38 11.26 19.94
CA ALA E 53 -4.00 11.77 20.14
C ALA E 53 -3.96 13.25 19.75
N ARG E 54 -3.19 14.04 20.49
CA ARG E 54 -3.00 15.50 20.24
C ARG E 54 -1.62 15.74 19.66
N PRO E 55 -1.52 16.44 18.53
CA PRO E 55 -0.23 16.93 18.07
C PRO E 55 0.35 17.91 19.12
N SER E 56 1.68 18.06 19.24
CA SER E 56 2.23 18.99 20.26
C SER E 56 1.76 20.40 19.93
N GLY E 57 1.51 21.20 20.96
CA GLY E 57 1.06 22.59 20.80
C GLY E 57 -0.45 22.70 20.83
N ILE E 58 -1.17 21.59 20.71
CA ILE E 58 -2.65 21.64 20.78
C ILE E 58 -3.01 21.57 22.26
N PRO E 59 -3.83 22.51 22.78
CA PRO E 59 -4.24 22.49 24.19
C PRO E 59 -4.97 21.21 24.59
N GLU E 60 -4.86 20.81 25.84
CA GLU E 60 -5.48 19.58 26.40
C GLU E 60 -7.00 19.68 26.44
N ARG E 61 -7.55 20.91 26.30
CA ARG E 61 -9.00 21.17 26.21
C ARG E 61 -9.61 20.39 25.03
N PHE E 62 -8.81 20.08 24.03
CA PHE E 62 -9.26 19.35 22.81
C PHE E 62 -9.05 17.84 23.06
N SER E 63 -10.10 17.06 23.06
CA SER E 63 -9.97 15.58 23.21
C SER E 63 -10.86 14.89 22.20
N GLY E 64 -10.55 13.62 21.88
CA GLY E 64 -11.36 12.86 20.93
C GLY E 64 -11.75 11.51 21.48
N SER E 65 -12.86 10.98 21.02
CA SER E 65 -13.22 9.56 21.29
C SER E 65 -13.90 8.99 20.06
N ASN E 66 -13.99 7.65 20.04
CA ASN E 66 -14.61 6.98 18.89
C ASN E 66 -15.03 5.57 19.31
N SER E 67 -16.31 5.26 19.18
CA SER E 67 -16.79 3.86 19.31
C SER E 67 -18.18 3.73 18.72
N GLY E 68 -18.56 2.48 18.47
CA GLY E 68 -19.80 2.18 17.77
C GLY E 68 -19.86 2.93 16.46
N ASN E 69 -20.87 3.77 16.32
CA ASN E 69 -21.15 4.47 15.05
C ASN E 69 -20.91 5.98 15.20
N THR E 70 -20.17 6.40 16.23
CA THR E 70 -19.96 7.84 16.53
C THR E 70 -18.56 8.13 17.03
N ALA E 71 -17.88 9.03 16.34
CA ALA E 71 -16.65 9.67 16.86
C ALA E 71 -17.00 11.09 17.32
N THR E 72 -16.35 11.56 18.36
CA THR E 72 -16.70 12.83 19.02
C THR E 72 -15.42 13.62 19.27
N LEU E 73 -15.43 14.89 18.85
CA LEU E 73 -14.39 15.87 19.24
C LEU E 73 -15.01 16.70 20.37
N THR E 74 -14.41 16.65 21.55
CA THR E 74 -14.92 17.34 22.74
C THR E 74 -14.00 18.51 22.97
N ILE E 75 -14.58 19.72 23.05
CA ILE E 75 -13.75 20.93 23.30
C ILE E 75 -14.22 21.47 24.65
N SER E 76 -13.40 21.38 25.68
CA SER E 76 -13.80 21.90 27.02
C SER E 76 -13.36 23.37 27.12
N ARG E 77 -13.99 24.12 28.00
CA ARG E 77 -13.64 25.52 28.36
C ARG E 77 -13.60 26.33 27.06
N VAL E 78 -14.63 26.22 26.26
CA VAL E 78 -14.60 26.82 24.90
C VAL E 78 -14.45 28.33 25.00
N GLU E 79 -13.69 28.87 24.06
CA GLU E 79 -13.30 30.30 23.95
C GLU E 79 -13.84 30.83 22.64
N ALA E 80 -14.13 32.12 22.56
CA ALA E 80 -14.52 32.78 21.29
C ALA E 80 -13.54 32.40 20.14
N GLY E 81 -12.25 32.37 20.43
CA GLY E 81 -11.17 32.02 19.48
C GLY E 81 -11.31 30.62 18.89
N ASP E 82 -12.13 29.76 19.49
CA ASP E 82 -12.35 28.39 18.98
C ASP E 82 -13.37 28.42 17.85
N GLU E 83 -14.08 29.53 17.61
CA GLU E 83 -15.06 29.56 16.48
C GLU E 83 -14.33 29.20 15.19
N ALA E 84 -14.88 28.27 14.44
CA ALA E 84 -14.21 27.63 13.30
C ALA E 84 -15.13 26.61 12.70
N ASP E 85 -14.76 26.14 11.52
CA ASP E 85 -15.33 24.90 10.97
C ASP E 85 -14.44 23.73 11.41
N TYR E 86 -15.08 22.65 11.81
CA TYR E 86 -14.38 21.42 12.24
C TYR E 86 -14.74 20.28 11.27
N TYR E 87 -13.72 19.56 10.84
CA TYR E 87 -13.89 18.43 9.88
C TYR E 87 -13.35 17.17 10.53
N CYS E 88 -14.10 16.06 10.46
CA CYS E 88 -13.51 14.73 10.74
C CYS E 88 -13.04 14.10 9.42
N GLN E 89 -12.05 13.22 9.59
CA GLN E 89 -11.49 12.39 8.50
C GLN E 89 -11.43 10.95 9.02
N VAL E 90 -11.77 9.99 8.17
CA VAL E 90 -11.70 8.55 8.56
C VAL E 90 -10.61 7.84 7.77
N TRP E 91 -9.70 7.19 8.48
CA TRP E 91 -8.77 6.18 7.89
C TRP E 91 -9.35 4.78 8.07
N ASP E 92 -9.50 4.07 6.96
CA ASP E 92 -10.05 2.68 6.92
C ASP E 92 -8.90 1.78 6.43
N ASN E 93 -8.55 0.74 7.18
CA ASN E 93 -7.46 -0.20 6.80
C ASN E 93 -7.80 -0.83 5.43
N ASN E 94 -9.07 -0.93 5.08
CA ASN E 94 -9.57 -1.58 3.85
C ASN E 94 -9.81 -0.61 2.69
N SER E 95 -9.30 0.62 2.72
CA SER E 95 -9.48 1.59 1.60
C SER E 95 -8.26 2.50 1.44
N ASP E 96 -8.00 2.96 0.23
CA ASP E 96 -7.02 4.05 0.02
C ASP E 96 -7.70 5.43 0.07
N ASP E 97 -9.03 5.49 -0.07
CA ASP E 97 -9.81 6.76 -0.16
C ASP E 97 -9.69 7.53 1.17
N VAL E 98 -9.57 8.86 1.08
CA VAL E 98 -9.71 9.77 2.26
C VAL E 98 -11.17 10.21 2.29
N VAL E 99 -11.84 9.95 3.40
CA VAL E 99 -13.23 10.43 3.60
C VAL E 99 -13.19 11.56 4.63
N PHE E 100 -13.76 12.70 4.25
CA PHE E 100 -14.06 13.82 5.19
C PHE E 100 -15.54 13.91 5.47
N GLY E 101 -15.90 14.24 6.70
CA GLY E 101 -17.25 14.72 7.04
C GLY E 101 -17.47 16.05 6.36
N GLY E 102 -18.73 16.50 6.36
CA GLY E 102 -19.17 17.72 5.67
C GLY E 102 -18.77 18.99 6.41
N GLY E 103 -18.31 18.89 7.66
CA GLY E 103 -17.92 20.06 8.46
C GLY E 103 -19.00 20.52 9.43
N THR E 104 -18.58 20.97 10.61
CA THR E 104 -19.47 21.55 11.65
C THR E 104 -18.97 22.97 11.95
N LYS E 105 -19.83 23.97 11.83
CA LYS E 105 -19.50 25.33 12.32
C LYS E 105 -19.71 25.35 13.83
N LEU E 106 -18.66 25.66 14.59
CA LEU E 106 -18.75 25.92 16.03
C LEU E 106 -19.00 27.41 16.24
N THR E 107 -20.15 27.73 16.83
CA THR E 107 -20.49 29.11 17.24
C THR E 107 -20.32 29.17 18.74
N VAL E 108 -19.60 30.17 19.21
CA VAL E 108 -19.49 30.40 20.66
C VAL E 108 -20.49 31.53 20.98
N LEU E 109 -21.55 31.23 21.72
CA LEU E 109 -22.74 32.11 21.75
C LEU E 109 -22.43 33.44 22.46
N GLY E 110 -22.61 34.54 21.78
CA GLY E 110 -22.40 35.88 22.37
C GLY E 110 -23.66 36.74 22.37
N GLN E 111 -24.78 36.20 21.90
CA GLN E 111 -26.07 36.89 21.86
C GLN E 111 -27.15 35.81 21.83
N PRO E 112 -28.41 36.22 21.98
CA PRO E 112 -29.54 35.30 21.89
C PRO E 112 -29.59 34.59 20.55
N LYS E 113 -29.96 33.32 20.55
CA LYS E 113 -30.33 32.64 19.29
C LYS E 113 -31.50 33.39 18.68
N ALA E 114 -31.53 33.44 17.36
CA ALA E 114 -32.54 34.19 16.58
C ALA E 114 -32.88 33.44 15.30
N ALA E 115 -34.17 33.25 15.10
CA ALA E 115 -34.71 32.47 13.98
C ALA E 115 -34.64 33.38 12.75
N PRO E 116 -34.39 32.82 11.56
CA PRO E 116 -34.26 33.64 10.37
C PRO E 116 -35.56 34.28 9.86
N SER E 117 -35.52 35.48 9.29
CA SER E 117 -36.60 35.98 8.39
C SER E 117 -36.29 35.53 6.97
N VAL E 118 -37.28 34.99 6.28
CA VAL E 118 -37.08 34.46 4.91
C VAL E 118 -37.97 35.26 3.97
N THR E 119 -37.37 35.85 2.94
CA THR E 119 -38.12 36.52 1.84
C THR E 119 -37.76 35.85 0.54
N LEU E 120 -38.75 35.30 -0.17
CA LEU E 120 -38.53 34.69 -1.49
C LEU E 120 -39.07 35.66 -2.55
N PHE E 121 -38.16 36.18 -3.37
CA PHE E 121 -38.47 37.03 -4.55
C PHE E 121 -38.64 36.17 -5.78
N PRO E 122 -39.80 36.26 -6.48
CA PRO E 122 -39.92 35.59 -7.77
C PRO E 122 -39.08 36.34 -8.82
N PRO E 123 -38.88 35.78 -10.05
CA PRO E 123 -38.19 36.51 -11.12
C PRO E 123 -38.86 37.88 -11.37
N SER E 124 -38.08 38.95 -11.46
CA SER E 124 -38.55 40.31 -11.87
C SER E 124 -39.08 40.25 -13.32
N SER E 125 -40.07 41.08 -13.65
CA SER E 125 -40.51 41.23 -15.05
C SER E 125 -39.33 41.69 -15.91
N GLU E 126 -38.41 42.51 -15.40
CA GLU E 126 -37.24 42.99 -16.18
C GLU E 126 -36.38 41.79 -16.55
N GLU E 127 -36.14 40.84 -15.63
CA GLU E 127 -35.25 39.69 -15.95
C GLU E 127 -35.96 38.77 -16.94
N LEU E 128 -37.26 38.55 -16.77
CA LEU E 128 -38.05 37.66 -17.65
C LEU E 128 -38.06 38.26 -19.08
N GLN E 129 -38.13 39.59 -19.21
CA GLN E 129 -38.02 40.32 -20.52
C GLN E 129 -36.69 39.89 -21.18
N ALA E 130 -35.63 39.75 -20.38
CA ALA E 130 -34.28 39.35 -20.82
C ALA E 130 -34.20 37.83 -20.98
N ASN E 131 -35.31 37.10 -20.89
CA ASN E 131 -35.41 35.64 -21.10
C ASN E 131 -34.62 34.86 -20.04
N LYS E 132 -34.64 35.33 -18.82
CA LYS E 132 -34.03 34.55 -17.71
C LYS E 132 -34.93 34.65 -16.49
N ALA E 133 -34.72 33.72 -15.55
CA ALA E 133 -35.61 33.58 -14.39
C ALA E 133 -34.77 33.14 -13.18
N THR E 134 -34.50 34.06 -12.26
CA THR E 134 -33.81 33.77 -10.97
C THR E 134 -34.78 33.98 -9.79
N LEU E 135 -35.02 32.91 -9.03
CA LEU E 135 -35.63 32.97 -7.69
C LEU E 135 -34.54 33.34 -6.68
N VAL E 136 -34.81 34.36 -5.89
CA VAL E 136 -33.88 34.88 -4.86
C VAL E 136 -34.50 34.69 -3.46
N CYS E 137 -33.81 33.87 -2.67
CA CYS E 137 -34.21 33.58 -1.27
C CYS E 137 -33.23 34.28 -0.35
N LEU E 138 -33.69 35.36 0.27
CA LEU E 138 -32.87 36.18 1.17
C LEU E 138 -33.25 35.88 2.62
N ILE E 139 -32.23 35.60 3.42
CA ILE E 139 -32.39 35.04 4.78
C ILE E 139 -31.68 35.98 5.74
N SER E 140 -32.36 36.52 6.72
CA SER E 140 -31.78 37.61 7.54
C SER E 140 -32.02 37.37 9.02
N ASP E 141 -31.24 38.06 9.84
CA ASP E 141 -31.48 38.28 11.27
C ASP E 141 -31.43 36.93 12.01
N PHE E 142 -30.55 36.01 11.63
CA PHE E 142 -30.43 34.71 12.36
C PHE E 142 -29.10 34.60 13.10
N TYR E 143 -29.14 33.76 14.12
CA TYR E 143 -27.97 33.45 14.96
C TYR E 143 -28.28 32.15 15.66
N PRO E 144 -27.37 31.16 15.73
CA PRO E 144 -26.04 31.20 15.09
C PRO E 144 -26.03 31.35 13.57
N GLY E 145 -24.88 31.75 13.02
CA GLY E 145 -24.75 32.00 11.58
C GLY E 145 -24.51 30.72 10.77
N ALA E 146 -25.49 29.81 10.74
CA ALA E 146 -25.41 28.55 9.97
C ALA E 146 -26.81 28.16 9.55
N VAL E 147 -27.00 27.94 8.25
CA VAL E 147 -28.32 27.48 7.76
C VAL E 147 -28.07 26.42 6.72
N THR E 148 -29.08 25.60 6.48
CA THR E 148 -29.17 24.71 5.29
C THR E 148 -30.36 25.19 4.47
N VAL E 149 -30.15 25.29 3.15
CA VAL E 149 -31.20 25.78 2.23
C VAL E 149 -31.49 24.69 1.22
N ALA E 150 -32.76 24.38 1.00
CA ALA E 150 -33.25 23.36 0.05
C ALA E 150 -34.33 24.04 -0.79
N TRP E 151 -34.50 23.61 -2.05
CA TRP E 151 -35.49 24.20 -2.96
C TRP E 151 -36.44 23.11 -3.43
N LYS E 152 -37.67 23.50 -3.70
CA LYS E 152 -38.70 22.58 -4.22
C LYS E 152 -39.38 23.21 -5.44
N ALA E 153 -39.58 22.39 -6.48
CA ALA E 153 -40.49 22.62 -7.62
C ALA E 153 -41.78 21.86 -7.33
N ASP E 154 -42.88 22.57 -7.10
CA ASP E 154 -44.13 22.00 -6.53
C ASP E 154 -43.73 21.29 -5.24
N SER E 155 -43.92 19.98 -5.14
CA SER E 155 -43.62 19.18 -3.93
C SER E 155 -42.26 18.52 -4.05
N SER E 156 -41.53 18.75 -5.13
CA SER E 156 -40.37 17.90 -5.53
C SER E 156 -39.05 18.66 -5.33
N PRO E 157 -38.05 18.04 -4.70
CA PRO E 157 -36.75 18.69 -4.50
C PRO E 157 -36.05 19.04 -5.82
N VAL E 158 -35.39 20.19 -5.86
CA VAL E 158 -34.53 20.64 -6.98
C VAL E 158 -33.11 20.80 -6.45
N LYS E 159 -32.11 20.22 -7.12
CA LYS E 159 -30.68 20.47 -6.78
C LYS E 159 -29.97 21.23 -7.92
N ALA E 160 -30.41 21.06 -9.16
CA ALA E 160 -29.83 21.76 -10.33
C ALA E 160 -30.09 23.26 -10.20
N GLY E 161 -29.08 24.06 -10.49
CA GLY E 161 -29.21 25.51 -10.67
C GLY E 161 -29.31 26.25 -9.35
N VAL E 162 -28.76 25.68 -8.27
CA VAL E 162 -28.85 26.30 -6.91
C VAL E 162 -27.45 26.79 -6.52
N GLU E 163 -27.33 28.04 -6.09
CA GLU E 163 -26.10 28.57 -5.47
C GLU E 163 -26.50 29.28 -4.16
N THR E 164 -25.69 29.13 -3.11
CA THR E 164 -26.03 29.62 -1.77
C THR E 164 -24.75 30.22 -1.21
N THR E 165 -24.82 31.41 -0.63
CA THR E 165 -23.71 32.11 0.02
C THR E 165 -23.56 31.62 1.46
N THR E 166 -22.34 31.69 1.96
CA THR E 166 -21.98 31.43 3.37
C THR E 166 -22.54 32.57 4.20
N PRO E 167 -23.21 32.29 5.34
CA PRO E 167 -23.73 33.37 6.17
C PRO E 167 -22.66 34.41 6.49
N SER E 168 -23.08 35.67 6.43
CA SER E 168 -22.28 36.91 6.52
C SER E 168 -22.89 37.72 7.66
N LYS E 169 -22.06 38.36 8.47
CA LYS E 169 -22.53 39.19 9.58
C LYS E 169 -23.16 40.46 9.04
N GLN E 170 -24.35 40.81 9.54
CA GLN E 170 -25.09 42.07 9.29
C GLN E 170 -24.54 43.17 10.20
N SER E 171 -24.91 44.42 9.95
CA SER E 171 -24.47 45.55 10.81
C SER E 171 -25.11 45.46 12.20
N ASN E 172 -26.17 44.69 12.39
CA ASN E 172 -26.77 44.51 13.73
C ASN E 172 -26.18 43.28 14.46
N ASN E 173 -25.16 42.63 13.91
CA ASN E 173 -24.40 41.51 14.51
C ASN E 173 -25.13 40.16 14.40
N LYS E 174 -26.33 40.11 13.85
CA LYS E 174 -26.93 38.86 13.35
C LYS E 174 -26.40 38.49 11.96
N TYR E 175 -26.78 37.33 11.45
CA TYR E 175 -26.27 36.80 10.19
C TYR E 175 -27.36 36.80 9.12
N ALA E 176 -26.88 36.86 7.89
CA ALA E 176 -27.70 36.77 6.67
C ALA E 176 -27.10 35.77 5.73
N ALA E 177 -27.93 35.23 4.85
CA ALA E 177 -27.51 34.36 3.74
C ALA E 177 -28.48 34.53 2.58
N SER E 178 -28.04 34.12 1.43
CA SER E 178 -28.76 34.28 0.15
C SER E 178 -28.68 32.97 -0.59
N SER E 179 -29.76 32.55 -1.23
CA SER E 179 -29.81 31.41 -2.14
C SER E 179 -30.51 31.81 -3.44
N TYR E 180 -30.04 31.22 -4.52
CA TYR E 180 -30.49 31.49 -5.91
C TYR E 180 -30.93 30.19 -6.53
N LEU E 181 -32.09 30.20 -7.17
CA LEU E 181 -32.45 29.09 -8.09
C LEU E 181 -32.58 29.68 -9.50
N SER E 182 -31.69 29.31 -10.40
CA SER E 182 -31.66 29.80 -11.81
C SER E 182 -32.51 28.87 -12.66
N LEU E 183 -33.60 29.37 -13.24
CA LEU E 183 -34.52 28.67 -14.16
C LEU E 183 -34.51 29.35 -15.54
N THR E 184 -35.03 28.64 -16.54
CA THR E 184 -35.56 29.23 -17.80
C THR E 184 -36.92 29.84 -17.51
N PRO E 185 -37.34 30.88 -18.26
CA PRO E 185 -38.72 31.37 -18.14
C PRO E 185 -39.80 30.28 -18.34
N GLU E 186 -39.47 29.25 -19.13
CA GLU E 186 -40.36 28.12 -19.47
C GLU E 186 -40.54 27.27 -18.21
N GLN E 187 -39.42 26.87 -17.59
CA GLN E 187 -39.39 26.13 -16.30
C GLN E 187 -40.23 26.86 -15.26
N TRP E 188 -39.97 28.16 -15.07
CA TRP E 188 -40.71 28.99 -14.08
C TRP E 188 -42.22 28.82 -14.31
N LYS E 189 -42.66 28.83 -15.56
CA LYS E 189 -44.11 28.83 -15.92
C LYS E 189 -44.69 27.40 -15.87
N SER E 190 -43.87 26.37 -16.10
CA SER E 190 -44.28 24.95 -16.20
C SER E 190 -44.54 24.31 -14.82
N HIS E 191 -44.48 25.08 -13.72
CA HIS E 191 -44.71 24.56 -12.35
C HIS E 191 -45.73 25.46 -11.65
N ARG E 192 -46.48 24.91 -10.69
CA ARG E 192 -47.56 25.66 -10.00
C ARG E 192 -46.94 26.48 -8.87
N SER E 193 -45.83 26.02 -8.31
CA SER E 193 -45.13 26.77 -7.25
C SER E 193 -43.67 26.34 -7.12
N TYR E 194 -42.92 27.22 -6.47
CA TYR E 194 -41.52 27.00 -6.04
C TYR E 194 -41.40 27.42 -4.58
N SER E 195 -40.52 26.74 -3.86
CA SER E 195 -40.36 26.90 -2.40
C SER E 195 -38.87 26.93 -2.06
N CYS E 196 -38.56 27.85 -1.15
CA CYS E 196 -37.27 28.00 -0.44
C CYS E 196 -37.46 27.49 1.00
N GLN E 197 -36.75 26.43 1.40
CA GLN E 197 -36.79 25.89 2.79
C GLN E 197 -35.48 26.16 3.50
N VAL E 198 -35.56 26.86 4.63
CA VAL E 198 -34.37 27.25 5.38
C VAL E 198 -34.40 26.52 6.72
N THR E 199 -33.38 25.72 6.98
CA THR E 199 -33.24 24.96 8.25
C THR E 199 -32.27 25.70 9.13
N HIS E 200 -32.66 25.94 10.38
CA HIS E 200 -31.84 26.61 11.43
C HIS E 200 -32.24 26.02 12.78
N GLU E 201 -31.31 25.52 13.60
CA GLU E 201 -31.66 25.17 15.03
C GLU E 201 -32.99 24.36 15.15
N GLY E 202 -33.13 23.27 14.41
CA GLY E 202 -34.27 22.33 14.53
C GLY E 202 -35.60 22.89 14.04
N SER E 203 -35.58 24.02 13.34
CA SER E 203 -36.76 24.62 12.66
C SER E 203 -36.48 24.59 11.16
N THR E 204 -37.50 24.37 10.35
CA THR E 204 -37.43 24.63 8.90
C THR E 204 -38.53 25.63 8.60
N VAL E 205 -38.16 26.77 8.02
CA VAL E 205 -39.09 27.81 7.52
C VAL E 205 -39.13 27.71 5.99
N GLU E 206 -40.31 27.55 5.43
CA GLU E 206 -40.54 27.41 3.97
C GLU E 206 -41.34 28.62 3.50
N LYS E 207 -40.83 29.30 2.47
CA LYS E 207 -41.56 30.41 1.80
C LYS E 207 -41.87 29.90 0.41
N THR E 208 -43.05 30.22 -0.10
CA THR E 208 -43.55 29.74 -1.40
C THR E 208 -43.99 30.94 -2.27
N VAL E 209 -43.69 30.86 -3.56
CA VAL E 209 -44.17 31.81 -4.59
C VAL E 209 -44.75 31.00 -5.74
N ALA E 210 -45.70 31.57 -6.49
CA ALA E 210 -46.30 30.91 -7.68
C ALA E 210 -46.29 31.86 -8.89
N PRO E 211 -46.01 31.33 -10.11
CA PRO E 211 -46.05 32.13 -11.34
C PRO E 211 -47.38 32.89 -11.49
N THR E 212 -48.50 32.24 -11.19
CA THR E 212 -49.88 32.73 -11.44
C THR E 212 -50.34 33.67 -10.31
N GLU E 213 -49.44 34.49 -9.76
CA GLU E 213 -49.77 35.67 -8.91
C GLU E 213 -49.10 36.94 -9.46
N ARG F 1 12.93 -3.54 31.13
CA ARG F 1 12.77 -3.92 29.69
C ARG F 1 13.63 -3.05 28.78
N ILE F 2 14.42 -3.66 27.90
CA ILE F 2 15.01 -2.95 26.72
C ILE F 2 14.22 -3.35 25.47
N CYS F 3 13.64 -2.35 24.82
CA CYS F 3 12.79 -2.46 23.61
C CYS F 3 13.42 -1.68 22.47
N TYR F 4 13.35 -2.23 21.27
CA TYR F 4 13.47 -1.45 20.00
C TYR F 4 12.38 -0.37 19.99
N ASN F 5 12.69 0.78 19.41
CA ASN F 5 11.73 1.91 19.37
C ASN F 5 11.76 2.59 17.99
N HIS F 6 12.59 2.10 17.05
CA HIS F 6 12.73 2.68 15.68
C HIS F 6 11.55 2.32 14.78
N GLN F 7 11.32 3.19 13.79
CA GLN F 7 10.18 3.15 12.85
C GLN F 7 10.52 2.34 11.60
N SER F 8 9.56 1.54 11.15
CA SER F 8 9.53 0.87 9.82
C SER F 8 10.87 0.18 9.57
N THR F 9 11.65 0.57 8.55
CA THR F 9 12.95 -0.09 8.25
C THR F 9 14.09 0.92 8.41
N THR F 10 13.97 1.88 9.34
CA THR F 10 15.07 2.82 9.71
C THR F 10 16.09 2.06 10.56
N ARG F 11 17.27 2.67 10.82
CA ARG F 11 18.38 2.04 11.58
C ARG F 11 17.88 1.77 13.01
N ALA F 12 18.14 0.56 13.51
CA ALA F 12 17.61 0.03 14.79
C ALA F 12 18.08 0.91 15.94
N THR F 13 17.15 1.40 16.77
CA THR F 13 17.40 2.15 18.01
C THR F 13 16.67 1.41 19.14
N THR F 14 17.03 1.70 20.39
CA THR F 14 16.40 1.06 21.59
C THR F 14 16.23 2.11 22.70
N LYS F 15 15.51 1.73 23.74
CA LYS F 15 15.31 2.55 24.96
C LYS F 15 14.86 1.61 26.09
N SER F 16 15.08 2.00 27.34
CA SER F 16 14.69 1.22 28.54
C SER F 16 13.22 1.49 28.85
N CYS F 17 12.51 0.52 29.43
CA CYS F 17 11.04 0.54 29.68
C CYS F 17 10.73 -0.04 31.07
N GLU F 18 9.71 0.51 31.74
CA GLU F 18 9.25 0.09 33.08
C GLU F 18 8.29 -1.10 32.92
N GLU F 19 7.67 -1.24 31.73
CA GLU F 19 6.69 -2.32 31.44
C GLU F 19 7.45 -3.60 31.16
N ASN F 20 6.76 -4.75 31.25
CA ASN F 20 7.38 -6.09 31.03
C ASN F 20 7.50 -6.39 29.53
N SER F 21 6.53 -5.96 28.71
CA SER F 21 6.46 -6.30 27.26
C SER F 21 7.01 -5.16 26.39
N CYS F 22 7.44 -5.51 25.18
CA CYS F 22 7.70 -4.60 24.03
C CYS F 22 6.62 -4.79 22.97
N TYR F 23 6.55 -3.91 21.96
CA TYR F 23 5.56 -4.02 20.87
C TYR F 23 6.17 -3.63 19.52
N LYS F 24 5.66 -4.34 18.51
CA LYS F 24 5.84 -4.04 17.07
C LYS F 24 4.43 -3.90 16.48
N LYS F 25 4.06 -2.69 16.07
CA LYS F 25 2.70 -2.33 15.59
C LYS F 25 2.81 -2.00 14.11
N TYR F 26 1.82 -2.38 13.28
CA TYR F 26 1.95 -2.14 11.83
C TYR F 26 0.58 -1.97 11.19
N TRP F 27 0.62 -1.21 10.10
CA TRP F 27 -0.59 -0.84 9.32
C TRP F 27 -0.18 -0.33 7.95
N ARG F 28 -1.18 -0.12 7.11
CA ARG F 28 -1.01 0.36 5.72
C ARG F 28 -1.64 1.75 5.62
N ASP F 29 -0.84 2.73 5.26
CA ASP F 29 -1.37 4.08 4.91
C ASP F 29 -0.72 4.46 3.58
N HIS F 30 -0.95 5.69 3.12
CA HIS F 30 -0.46 6.12 1.79
C HIS F 30 1.05 5.95 1.64
N ARG F 31 1.82 5.85 2.72
CA ARG F 31 3.27 5.58 2.59
C ARG F 31 3.53 4.12 2.17
N GLY F 32 2.63 3.21 2.46
CA GLY F 32 2.90 1.76 2.36
C GLY F 32 2.73 1.13 3.72
N THR F 33 3.46 0.07 4.02
CA THR F 33 3.34 -0.59 5.33
C THR F 33 4.25 0.18 6.29
N ILE F 34 3.76 0.51 7.44
CA ILE F 34 4.48 1.29 8.48
C ILE F 34 4.62 0.39 9.71
N ILE F 35 5.76 0.51 10.39
CA ILE F 35 6.01 -0.22 11.65
C ILE F 35 6.36 0.80 12.74
N GLU F 36 5.69 0.71 13.87
CA GLU F 36 6.03 1.47 15.10
C GLU F 36 6.44 0.45 16.18
N ARG F 37 7.57 0.71 16.84
CA ARG F 37 8.10 -0.12 17.95
C ARG F 37 8.24 0.73 19.22
N GLY F 38 7.94 0.15 20.39
CA GLY F 38 8.21 0.78 21.69
C GLY F 38 7.82 -0.12 22.85
N CYS F 39 7.45 0.46 23.99
CA CYS F 39 7.35 -0.23 25.30
C CYS F 39 5.91 -0.62 25.60
N GLY F 40 5.75 -1.69 26.37
CA GLY F 40 4.44 -2.16 26.83
C GLY F 40 3.70 -2.85 25.71
N CYS F 41 2.38 -2.95 25.85
CA CYS F 41 1.49 -3.71 24.95
C CYS F 41 0.19 -2.92 24.75
N PRO F 42 0.22 -1.85 23.93
CA PRO F 42 -0.97 -1.01 23.71
C PRO F 42 -2.10 -1.79 23.05
N LYS F 43 -3.35 -1.49 23.42
CA LYS F 43 -4.55 -1.99 22.71
C LYS F 43 -4.59 -1.28 21.35
N VAL F 44 -4.95 -2.03 20.31
CA VAL F 44 -5.15 -1.47 18.94
C VAL F 44 -6.47 -2.00 18.41
N LYS F 45 -7.00 -1.35 17.37
CA LYS F 45 -8.21 -1.82 16.70
C LYS F 45 -7.77 -2.82 15.64
N PRO F 46 -8.69 -3.61 15.07
CA PRO F 46 -8.30 -4.68 14.13
C PRO F 46 -7.65 -4.21 12.82
N GLY F 47 -7.76 -2.92 12.45
CA GLY F 47 -7.09 -2.39 11.26
C GLY F 47 -5.59 -2.25 11.44
N VAL F 48 -5.09 -2.48 12.65
CA VAL F 48 -3.65 -2.33 12.98
C VAL F 48 -3.15 -3.68 13.53
N GLY F 49 -2.09 -4.22 12.93
CA GLY F 49 -1.46 -5.44 13.44
C GLY F 49 -0.62 -5.11 14.66
N ILE F 50 -0.52 -6.03 15.60
CA ILE F 50 0.42 -5.89 16.74
C ILE F 50 0.94 -7.27 17.18
N HIS F 51 2.24 -7.26 17.47
CA HIS F 51 3.03 -8.32 18.17
C HIS F 51 3.67 -7.70 19.42
N CYS F 52 3.26 -8.22 20.59
CA CYS F 52 3.89 -7.98 21.89
C CYS F 52 4.66 -9.23 22.30
N CYS F 53 5.86 -9.06 22.84
CA CYS F 53 6.61 -10.13 23.55
C CYS F 53 6.77 -9.72 25.02
N GLN F 54 7.67 -10.42 25.75
CA GLN F 54 8.21 -10.01 27.08
C GLN F 54 9.67 -10.47 27.23
N SER F 55 10.58 -10.10 26.32
CA SER F 55 12.05 -10.23 26.49
C SER F 55 12.74 -9.04 25.82
N ASP F 56 14.03 -8.84 26.06
CA ASP F 56 14.77 -7.66 25.57
C ASP F 56 14.87 -7.78 24.04
N LYS F 57 14.71 -6.66 23.34
CA LYS F 57 14.96 -6.50 21.88
C LYS F 57 14.23 -7.56 21.06
N CYS F 58 13.14 -8.11 21.58
CA CYS F 58 12.31 -9.17 20.93
C CYS F 58 11.46 -8.59 19.78
N ASN F 59 11.27 -7.26 19.72
CA ASN F 59 10.31 -6.61 18.78
C ASN F 59 11.06 -6.04 17.56
N TYR F 60 12.04 -6.77 17.02
CA TYR F 60 12.77 -6.29 15.81
C TYR F 60 11.87 -6.34 14.57
NA NA G . -1.53 -7.97 2.76
NA NA H . -6.59 3.20 4.38
#